data_7AVI
#
_entry.id   7AVI
#
_cell.length_a   39.277
_cell.length_b   84.441
_cell.length_c   174.838
_cell.angle_alpha   90
_cell.angle_beta   90.12
_cell.angle_gamma   90
#
_symmetry.space_group_name_H-M   'P 1 21 1'
#
loop_
_entity.id
_entity.type
_entity.pdbx_description
1 polymer 'Son of sevenless homolog 1'
2 non-polymer 3-propan-2-yl-~{N}-[(1~{R})-1-(3-sulfamoylphenyl)ethyl]-[1,2]oxazolo[5,4-b]pyridine-5-carboxamide
3 water water
#
_entity_poly.entity_id   1
_entity_poly.type   'polypeptide(L)'
_entity_poly.pdbx_seq_one_letter_code
;GEEQMRLPSADVYRFAEPDSEENIIFEENMQPKAGIPIIKAGTVIKLIERLTYHMYADPNFVRTFLTTYRSFCKPQELLS
LIIERFEIPEPEPTEADRIAIENGDQPLSAELKRFRKEYIQPVQLRVLNVCRHWVEHHFYDFERDAYLLQRMEEFIGTVR
GKAMKKWVESITKIIQRKKIARDNGPGHNITFQSSPPTVEWHISRPGHIETFDLLTLHPIEIARQLTLLESDLYRAVQPS
ELVGSVWTKEDKEINSPNLLKMIRHTTNLTLWFEKCIVETENLEERVAVVSRIIEILQVFQELNNFNGVLEVVSAMNSSP
VYRLDHTFEQIPSRQKKILEEAHELSEDHYKKYLAKLRSINPPCVPFFGIYLTNILKTEEGNPEVLKRHGKELINFSKRR
KVAEITGEIQQYQNQPYCLRVESDIKRFFENLNPMGNSMEKEFTDYLFNKSLEIEPRNPKPLPRFPKKYSYPLKSPGVRP
SNPRPGT
;
_entity_poly.pdbx_strand_id   A,B
#
loop_
_chem_comp.id
_chem_comp.type
_chem_comp.name
_chem_comp.formula
S2Q non-polymer 3-propan-2-yl-~{N}-[(1~{R})-1-(3-sulfamoylphenyl)ethyl]-[1,2]oxazolo[5,4-b]pyridine-5-carboxamide 'C18 H20 N4 O4 S'
#
# COMPACT_ATOMS: atom_id res chain seq x y z
N GLY A 1 3.58 49.37 -27.24
CA GLY A 1 4.32 49.44 -25.99
C GLY A 1 5.41 48.40 -25.93
N GLU A 2 6.48 48.67 -25.16
CA GLU A 2 7.62 47.75 -25.03
C GLU A 2 7.26 46.34 -24.52
N GLU A 3 6.11 46.17 -23.84
CA GLU A 3 5.68 44.87 -23.33
C GLU A 3 5.38 43.93 -24.50
N GLN A 4 4.60 44.40 -25.50
CA GLN A 4 4.28 43.58 -26.68
C GLN A 4 5.47 43.50 -27.65
N MET A 5 6.37 44.49 -27.66
CA MET A 5 7.58 44.45 -28.51
C MET A 5 8.53 43.32 -28.01
N ARG A 6 8.55 43.05 -26.69
CA ARG A 6 9.38 41.98 -26.11
C ARG A 6 8.82 40.60 -26.50
N LEU A 7 7.49 40.45 -26.56
CA LEU A 7 6.88 39.18 -26.94
C LEU A 7 7.05 38.93 -28.45
N PRO A 8 7.00 37.66 -28.92
CA PRO A 8 7.22 37.42 -30.37
C PRO A 8 6.16 37.99 -31.31
N SER A 9 6.60 38.21 -32.57
CA SER A 9 5.75 38.74 -33.63
C SER A 9 4.73 37.69 -34.06
N ALA A 10 3.56 38.15 -34.56
CA ALA A 10 2.48 37.25 -34.98
C ALA A 10 2.88 36.38 -36.17
N ASP A 11 3.73 36.88 -37.08
CA ASP A 11 4.15 36.13 -38.27
C ASP A 11 5.18 35.01 -37.98
N VAL A 12 5.63 34.86 -36.72
CA VAL A 12 6.55 33.81 -36.28
C VAL A 12 6.00 33.01 -35.06
N TYR A 13 4.86 33.44 -34.46
CA TYR A 13 4.30 32.79 -33.28
C TYR A 13 2.83 33.20 -33.09
N ARG A 14 1.92 32.24 -32.88
CA ARG A 14 0.49 32.53 -32.73
C ARG A 14 -0.03 32.76 -31.29
N PHE A 15 0.75 32.45 -30.27
CA PHE A 15 0.28 32.53 -28.88
C PHE A 15 0.73 33.79 -28.13
N ALA A 16 1.06 34.89 -28.86
CA ALA A 16 1.50 36.14 -28.25
C ALA A 16 0.65 37.36 -28.66
N GLU A 17 -0.49 37.17 -29.37
CA GLU A 17 -1.37 38.28 -29.71
C GLU A 17 -1.97 38.85 -28.42
N PRO A 18 -2.12 40.18 -28.31
CA PRO A 18 -2.68 40.73 -27.06
C PRO A 18 -4.14 40.34 -26.85
N ASP A 19 -4.54 40.21 -25.57
CA ASP A 19 -5.91 39.90 -25.21
C ASP A 19 -6.83 41.03 -25.64
N SER A 20 -8.07 40.69 -25.99
CA SER A 20 -9.10 41.65 -26.38
C SER A 20 -10.51 41.05 -26.14
N GLU A 21 -11.55 41.89 -26.25
CA GLU A 21 -12.94 41.42 -26.08
C GLU A 21 -13.36 40.40 -27.15
N GLU A 22 -12.58 40.23 -28.24
CA GLU A 22 -12.89 39.33 -29.36
C GLU A 22 -12.08 38.01 -29.34
N ASN A 23 -11.26 37.75 -28.30
CA ASN A 23 -10.53 36.48 -28.22
C ASN A 23 -10.54 35.82 -26.80
N ILE A 24 -10.85 36.56 -25.72
CA ILE A 24 -10.90 35.98 -24.38
C ILE A 24 -11.85 36.77 -23.47
N ILE A 25 -12.68 36.06 -22.69
CA ILE A 25 -13.64 36.61 -21.73
C ILE A 25 -13.38 35.99 -20.36
N PHE A 26 -13.56 36.77 -19.29
CA PHE A 26 -13.36 36.33 -17.92
C PHE A 26 -14.64 36.53 -17.07
N GLU A 27 -14.73 35.79 -15.95
CA GLU A 27 -15.85 35.91 -15.00
C GLU A 27 -15.53 37.01 -13.94
N GLU A 28 -16.51 37.31 -13.03
CA GLU A 28 -16.37 38.32 -11.96
C GLU A 28 -15.25 37.99 -10.94
N ASN A 29 -14.03 38.51 -11.18
CA ASN A 29 -12.88 38.27 -10.28
C ASN A 29 -12.93 39.21 -9.05
N MET A 30 -13.23 38.64 -7.85
CA MET A 30 -13.32 39.38 -6.58
C MET A 30 -12.14 39.01 -5.67
N GLY A 35 -5.23 37.47 -7.15
CA GLY A 35 -5.94 36.27 -7.52
C GLY A 35 -5.89 35.96 -9.01
N ILE A 36 -5.97 34.66 -9.36
CA ILE A 36 -5.96 34.20 -10.75
C ILE A 36 -7.33 34.48 -11.37
N PRO A 37 -7.44 35.15 -12.54
CA PRO A 37 -8.77 35.37 -13.15
C PRO A 37 -9.36 34.08 -13.74
N ILE A 38 -10.68 33.90 -13.63
CA ILE A 38 -11.37 32.70 -14.14
C ILE A 38 -11.82 32.92 -15.59
N ILE A 39 -11.39 32.05 -16.50
CA ILE A 39 -11.70 32.14 -17.93
C ILE A 39 -13.15 31.66 -18.24
N LYS A 40 -14.00 32.57 -18.77
CA LYS A 40 -15.36 32.26 -19.16
C LYS A 40 -15.40 31.71 -20.58
N ALA A 41 -14.67 32.35 -21.50
CA ALA A 41 -14.67 32.00 -22.91
C ALA A 41 -13.35 32.42 -23.58
N GLY A 42 -13.07 31.85 -24.75
CA GLY A 42 -11.89 32.18 -25.51
C GLY A 42 -11.71 31.31 -26.72
N THR A 43 -10.89 31.78 -27.67
CA THR A 43 -10.54 30.98 -28.84
C THR A 43 -9.66 29.81 -28.35
N VAL A 44 -9.51 28.74 -29.16
CA VAL A 44 -8.63 27.61 -28.76
C VAL A 44 -7.20 28.11 -28.50
N ILE A 45 -6.72 29.09 -29.30
CA ILE A 45 -5.37 29.65 -29.15
C ILE A 45 -5.19 30.39 -27.81
N LYS A 46 -6.19 31.16 -27.39
CA LYS A 46 -6.11 31.88 -26.13
C LYS A 46 -6.29 30.91 -24.93
N LEU A 47 -7.01 29.79 -25.13
CA LEU A 47 -7.17 28.74 -24.12
C LEU A 47 -5.83 28.02 -23.93
N ILE A 48 -5.14 27.68 -25.02
CA ILE A 48 -3.81 27.04 -24.98
C ILE A 48 -2.79 27.98 -24.32
N GLU A 49 -2.81 29.26 -24.71
CA GLU A 49 -1.91 30.29 -24.16
C GLU A 49 -2.09 30.38 -22.62
N ARG A 50 -3.32 30.45 -22.13
CA ARG A 50 -3.59 30.52 -20.69
C ARG A 50 -3.35 29.19 -19.97
N LEU A 51 -3.54 28.08 -20.68
CA LEU A 51 -3.26 26.73 -20.16
C LEU A 51 -1.77 26.58 -19.82
N THR A 52 -0.89 27.32 -20.53
CA THR A 52 0.55 27.31 -20.33
C THR A 52 1.08 28.75 -20.12
N TYR A 53 0.36 29.59 -19.33
CA TYR A 53 0.70 31.01 -19.11
C TYR A 53 2.07 31.19 -18.43
N HIS A 54 2.88 32.15 -18.90
CA HIS A 54 4.22 32.38 -18.33
C HIS A 54 4.23 33.00 -16.92
N MET A 55 3.23 33.84 -16.60
N MET A 55 3.26 33.86 -16.58
CA MET A 55 3.18 34.56 -15.33
CA MET A 55 3.26 34.56 -15.30
C MET A 55 2.91 33.68 -14.10
C MET A 55 2.93 33.68 -14.09
N TYR A 56 2.15 32.59 -14.25
CA TYR A 56 1.81 31.74 -13.12
C TYR A 56 1.27 30.37 -13.51
N ALA A 57 1.34 29.42 -12.56
CA ALA A 57 0.75 28.11 -12.77
C ALA A 57 -0.76 28.24 -12.48
N ASP A 58 -1.55 27.33 -13.03
CA ASP A 58 -3.01 27.36 -12.89
C ASP A 58 -3.52 25.91 -12.83
N PRO A 59 -3.27 25.19 -11.71
CA PRO A 59 -3.70 23.80 -11.64
C PRO A 59 -5.19 23.54 -11.83
N ASN A 60 -6.05 24.45 -11.37
CA ASN A 60 -7.49 24.28 -11.53
C ASN A 60 -7.86 24.29 -13.02
N PHE A 61 -7.32 25.26 -13.79
CA PHE A 61 -7.62 25.36 -15.21
C PHE A 61 -7.06 24.16 -15.96
N VAL A 62 -5.82 23.74 -15.66
CA VAL A 62 -5.19 22.57 -16.29
C VAL A 62 -6.07 21.31 -16.09
N ARG A 63 -6.56 21.11 -14.86
CA ARG A 63 -7.41 19.98 -14.52
C ARG A 63 -8.72 20.01 -15.31
N THR A 64 -9.40 21.17 -15.35
CA THR A 64 -10.70 21.33 -16.05
C THR A 64 -10.53 21.16 -17.56
N PHE A 65 -9.52 21.82 -18.13
CA PHE A 65 -9.22 21.76 -19.56
C PHE A 65 -8.95 20.32 -20.00
N LEU A 66 -8.04 19.61 -19.32
CA LEU A 66 -7.69 18.24 -19.72
C LEU A 66 -8.86 17.24 -19.51
N THR A 67 -9.84 17.57 -18.69
CA THR A 67 -11.05 16.73 -18.52
C THR A 67 -12.06 16.99 -19.64
N THR A 68 -12.18 18.24 -20.09
CA THR A 68 -13.21 18.65 -21.05
C THR A 68 -12.79 19.07 -22.47
N TYR A 69 -11.50 19.10 -22.78
CA TYR A 69 -11.04 19.63 -24.08
C TYR A 69 -11.54 18.88 -25.28
N ARG A 70 -11.82 17.56 -25.15
CA ARG A 70 -12.26 16.76 -26.29
C ARG A 70 -13.60 17.20 -26.87
N SER A 71 -14.37 18.04 -26.15
CA SER A 71 -15.65 18.58 -26.61
C SER A 71 -15.49 19.75 -27.61
N PHE A 72 -14.27 20.30 -27.74
CA PHE A 72 -13.97 21.39 -28.65
C PHE A 72 -12.62 21.25 -29.39
N CYS A 73 -11.80 20.24 -29.05
CA CYS A 73 -10.48 20.05 -29.62
C CYS A 73 -10.13 18.58 -29.63
N LYS A 74 -9.65 18.03 -30.76
CA LYS A 74 -9.27 16.63 -30.82
C LYS A 74 -7.92 16.38 -30.11
N PRO A 75 -7.69 15.20 -29.49
CA PRO A 75 -6.37 14.94 -28.87
C PRO A 75 -5.14 15.17 -29.78
N GLN A 76 -5.23 14.82 -31.07
CA GLN A 76 -4.13 15.04 -32.02
C GLN A 76 -3.85 16.54 -32.20
N GLU A 77 -4.91 17.35 -32.20
CA GLU A 77 -4.80 18.81 -32.35
C GLU A 77 -4.26 19.45 -31.08
N LEU A 78 -4.64 18.96 -29.88
CA LEU A 78 -4.14 19.51 -28.62
C LEU A 78 -2.62 19.31 -28.53
N LEU A 79 -2.15 18.11 -28.89
CA LEU A 79 -0.72 17.83 -28.86
C LEU A 79 0.05 18.75 -29.82
N SER A 80 -0.49 18.98 -31.03
CA SER A 80 0.13 19.86 -32.01
C SER A 80 0.20 21.29 -31.52
N LEU A 81 -0.88 21.76 -30.86
CA LEU A 81 -0.94 23.13 -30.38
C LEU A 81 0.02 23.39 -29.21
N ILE A 82 0.17 22.40 -28.28
CA ILE A 82 1.10 22.60 -27.16
C ILE A 82 2.55 22.51 -27.61
N ILE A 83 2.83 21.72 -28.67
CA ILE A 83 4.18 21.61 -29.23
C ILE A 83 4.50 22.93 -29.95
N GLU A 84 3.53 23.50 -30.70
CA GLU A 84 3.67 24.79 -31.40
C GLU A 84 3.89 25.93 -30.38
N ARG A 85 3.16 25.86 -29.25
CA ARG A 85 3.28 26.75 -28.09
C ARG A 85 4.70 26.69 -27.50
N PHE A 86 5.28 25.49 -27.43
CA PHE A 86 6.61 25.22 -26.86
C PHE A 86 7.73 25.79 -27.75
N GLU A 87 7.56 25.77 -29.08
CA GLU A 87 8.57 26.26 -30.01
C GLU A 87 8.47 27.79 -30.14
N ILE A 88 9.00 28.49 -29.14
CA ILE A 88 8.95 29.94 -29.08
C ILE A 88 10.18 30.49 -29.81
N PRO A 89 10.02 31.33 -30.85
CA PRO A 89 11.19 31.89 -31.51
C PRO A 89 11.94 32.88 -30.63
N GLU A 90 13.26 32.89 -30.70
CA GLU A 90 14.07 33.83 -29.93
C GLU A 90 14.24 35.11 -30.75
N PRO A 91 14.24 36.30 -30.12
CA PRO A 91 14.43 37.53 -30.89
C PRO A 91 15.85 37.70 -31.43
N GLU A 92 15.99 38.57 -32.42
CA GLU A 92 17.27 38.86 -33.06
C GLU A 92 18.18 39.63 -32.11
N PRO A 93 19.51 39.54 -32.29
CA PRO A 93 20.41 40.35 -31.45
C PRO A 93 20.26 41.83 -31.72
N THR A 94 20.59 42.65 -30.72
CA THR A 94 20.55 44.10 -30.86
C THR A 94 21.64 44.53 -31.85
N GLU A 95 21.68 45.82 -32.24
CA GLU A 95 22.69 46.29 -33.18
C GLU A 95 24.09 46.13 -32.59
N ALA A 96 24.28 46.53 -31.32
CA ALA A 96 25.60 46.42 -30.68
C ALA A 96 26.05 44.98 -30.53
N ASP A 97 25.09 44.05 -30.28
CA ASP A 97 25.41 42.62 -30.16
C ASP A 97 25.65 41.97 -31.52
N ARG A 98 25.02 42.49 -32.57
CA ARG A 98 25.27 42.00 -33.93
C ARG A 98 26.73 42.33 -34.32
N ILE A 99 27.23 43.53 -33.95
CA ILE A 99 28.61 43.94 -34.22
C ILE A 99 29.57 43.10 -33.38
N ALA A 100 29.22 42.85 -32.11
CA ALA A 100 30.02 42.03 -31.19
C ALA A 100 30.18 40.59 -31.74
N ILE A 101 29.08 39.98 -32.21
CA ILE A 101 29.09 38.63 -32.78
C ILE A 101 29.92 38.59 -34.08
N GLU A 102 29.77 39.59 -34.97
CA GLU A 102 30.54 39.62 -36.22
C GLU A 102 32.03 39.89 -36.01
N ASN A 103 32.41 40.45 -34.85
CA ASN A 103 33.81 40.65 -34.52
C ASN A 103 34.43 39.41 -33.81
N GLY A 104 33.68 38.31 -33.68
CA GLY A 104 34.12 37.10 -33.03
C GLY A 104 34.00 37.11 -31.52
N ASP A 105 33.37 38.14 -30.94
CA ASP A 105 33.22 38.29 -29.50
C ASP A 105 31.85 37.82 -29.01
N GLN A 106 31.75 37.58 -27.69
CA GLN A 106 30.50 37.14 -27.07
C GLN A 106 29.57 38.34 -26.90
N PRO A 107 28.30 38.21 -27.29
CA PRO A 107 27.34 39.32 -27.09
C PRO A 107 26.92 39.46 -25.63
N LEU A 108 26.41 40.63 -25.27
CA LEU A 108 25.86 40.88 -23.94
C LEU A 108 24.53 40.13 -23.82
N SER A 109 23.65 40.24 -24.83
CA SER A 109 22.37 39.53 -24.91
C SER A 109 21.51 39.74 -23.65
N ALA A 110 21.43 40.99 -23.15
CA ALA A 110 20.65 41.26 -21.94
C ALA A 110 19.15 40.94 -22.09
N GLU A 111 18.51 41.39 -23.19
CA GLU A 111 17.08 41.14 -23.38
C GLU A 111 16.79 39.69 -23.77
N LEU A 112 17.67 39.06 -24.53
CA LEU A 112 17.48 37.67 -24.94
C LEU A 112 17.49 36.75 -23.70
N LYS A 113 18.43 36.99 -22.77
CA LYS A 113 18.52 36.22 -21.53
C LYS A 113 17.30 36.46 -20.64
N ARG A 114 16.78 37.69 -20.63
CA ARG A 114 15.60 38.04 -19.86
C ARG A 114 14.39 37.31 -20.44
N PHE A 115 14.23 37.36 -21.77
CA PHE A 115 13.14 36.71 -22.49
C PHE A 115 13.17 35.20 -22.29
N ARG A 116 14.37 34.61 -22.26
CA ARG A 116 14.51 33.17 -22.02
C ARG A 116 14.11 32.83 -20.59
N LYS A 117 14.57 33.60 -19.60
CA LYS A 117 14.32 33.33 -18.18
C LYS A 117 12.87 33.59 -17.76
N GLU A 118 12.31 34.72 -18.19
CA GLU A 118 10.99 35.19 -17.79
C GLU A 118 9.83 34.76 -18.70
N TYR A 119 10.09 34.25 -19.93
CA TYR A 119 9.02 33.81 -20.84
C TYR A 119 9.23 32.40 -21.47
N ILE A 120 10.34 32.18 -22.22
CA ILE A 120 10.55 30.88 -22.90
C ILE A 120 10.61 29.72 -21.90
N GLN A 121 11.45 29.81 -20.85
CA GLN A 121 11.59 28.73 -19.87
C GLN A 121 10.25 28.46 -19.11
N PRO A 122 9.54 29.47 -18.55
CA PRO A 122 8.26 29.17 -17.88
C PRO A 122 7.19 28.56 -18.80
N VAL A 123 7.04 29.07 -20.04
CA VAL A 123 6.04 28.53 -20.97
C VAL A 123 6.38 27.08 -21.32
N GLN A 124 7.67 26.79 -21.56
CA GLN A 124 8.11 25.44 -21.89
C GLN A 124 7.90 24.45 -20.74
N LEU A 125 8.21 24.85 -19.50
CA LEU A 125 7.97 24.01 -18.34
C LEU A 125 6.46 23.84 -18.08
N ARG A 126 5.64 24.81 -18.48
CA ARG A 126 4.18 24.77 -18.36
C ARG A 126 3.59 23.81 -19.43
N VAL A 127 4.20 23.75 -20.63
CA VAL A 127 3.79 22.78 -21.65
C VAL A 127 4.14 21.38 -21.12
N LEU A 128 5.34 21.21 -20.51
CA LEU A 128 5.73 19.91 -19.96
C LEU A 128 4.79 19.47 -18.82
N ASN A 129 4.32 20.42 -17.99
CA ASN A 129 3.35 20.16 -16.92
C ASN A 129 2.01 19.67 -17.48
N VAL A 130 1.57 20.20 -18.64
CA VAL A 130 0.34 19.77 -19.31
C VAL A 130 0.53 18.32 -19.77
N CYS A 131 1.68 18.01 -20.37
CA CYS A 131 2.01 16.67 -20.84
C CYS A 131 1.98 15.66 -19.68
N ARG A 132 2.48 16.07 -18.50
CA ARG A 132 2.53 15.24 -17.30
C ARG A 132 1.13 14.98 -16.74
N HIS A 133 0.32 16.03 -16.62
CA HIS A 133 -1.06 15.89 -16.14
C HIS A 133 -1.89 15.04 -17.14
N TRP A 134 -1.62 15.19 -18.46
CA TRP A 134 -2.29 14.46 -19.55
C TRP A 134 -2.05 12.94 -19.44
N VAL A 135 -0.79 12.50 -19.30
CA VAL A 135 -0.46 11.08 -19.19
C VAL A 135 -0.84 10.50 -17.82
N GLU A 136 -0.85 11.31 -16.78
CA GLU A 136 -1.16 10.86 -15.43
C GLU A 136 -2.67 10.62 -15.27
N HIS A 137 -3.51 11.59 -15.67
CA HIS A 137 -4.94 11.49 -15.44
C HIS A 137 -5.78 11.14 -16.66
N HIS A 138 -5.21 11.17 -17.88
CA HIS A 138 -5.99 10.85 -19.08
C HIS A 138 -5.21 9.94 -20.02
N PHE A 139 -4.53 8.92 -19.48
CA PHE A 139 -3.73 8.02 -20.30
C PHE A 139 -4.57 7.24 -21.34
N TYR A 140 -5.89 7.13 -21.14
CA TYR A 140 -6.76 6.47 -22.11
C TYR A 140 -6.68 7.12 -23.52
N ASP A 141 -6.38 8.44 -23.63
CA ASP A 141 -6.22 9.08 -24.95
C ASP A 141 -5.09 8.42 -25.74
N PHE A 142 -4.03 8.03 -25.03
CA PHE A 142 -2.84 7.38 -25.58
C PHE A 142 -3.05 5.88 -25.85
N GLU A 143 -3.95 5.24 -25.09
CA GLU A 143 -4.30 3.82 -25.27
C GLU A 143 -5.19 3.67 -26.52
N ARG A 144 -6.15 4.60 -26.69
CA ARG A 144 -7.06 4.63 -27.85
C ARG A 144 -6.35 5.10 -29.14
N ASP A 145 -5.18 5.76 -29.02
CA ASP A 145 -4.45 6.26 -30.19
C ASP A 145 -2.94 6.09 -29.93
N ALA A 146 -2.39 4.97 -30.40
CA ALA A 146 -0.96 4.70 -30.22
C ALA A 146 -0.06 5.69 -30.98
N TYR A 147 -0.56 6.24 -32.10
CA TYR A 147 0.14 7.26 -32.88
C TYR A 147 0.31 8.54 -32.05
N LEU A 148 -0.70 8.90 -31.25
CA LEU A 148 -0.66 10.08 -30.35
C LEU A 148 0.45 9.87 -29.32
N LEU A 149 0.57 8.64 -28.76
CA LEU A 149 1.62 8.31 -27.79
C LEU A 149 2.99 8.35 -28.42
N GLN A 150 3.11 7.83 -29.67
CA GLN A 150 4.35 7.87 -30.44
C GLN A 150 4.79 9.32 -30.65
N ARG A 151 3.85 10.21 -30.97
CA ARG A 151 4.16 11.64 -31.12
C ARG A 151 4.59 12.26 -29.80
N MET A 152 3.92 11.88 -28.68
CA MET A 152 4.23 12.43 -27.36
C MET A 152 5.63 12.03 -26.92
N GLU A 153 5.96 10.75 -27.10
CA GLU A 153 7.25 10.21 -26.71
C GLU A 153 8.38 10.82 -27.56
N GLU A 154 8.13 11.05 -28.87
CA GLU A 154 9.13 11.68 -29.75
C GLU A 154 9.37 13.11 -29.27
N PHE A 155 8.28 13.83 -28.95
CA PHE A 155 8.36 15.19 -28.46
C PHE A 155 9.18 15.31 -27.16
N ILE A 156 8.72 14.67 -26.07
CA ILE A 156 9.42 14.75 -24.80
C ILE A 156 10.85 14.16 -24.89
N GLY A 157 11.05 13.13 -25.70
CA GLY A 157 12.35 12.51 -25.91
C GLY A 157 13.39 13.39 -26.58
N THR A 158 12.96 14.36 -27.40
CA THR A 158 13.86 15.30 -28.09
C THR A 158 13.98 16.67 -27.37
N VAL A 159 13.40 16.82 -26.17
CA VAL A 159 13.50 18.06 -25.39
C VAL A 159 14.93 18.12 -24.82
N ARG A 160 15.62 19.27 -24.94
CA ARG A 160 17.00 19.45 -24.46
C ARG A 160 17.09 20.63 -23.48
N GLY A 161 17.42 20.37 -22.21
CA GLY A 161 17.53 21.40 -21.19
C GLY A 161 17.93 20.89 -19.83
N LYS A 162 18.39 21.81 -18.95
CA LYS A 162 18.83 21.44 -17.59
C LYS A 162 17.63 21.26 -16.63
N ALA A 163 16.71 22.21 -16.59
CA ALA A 163 15.50 22.10 -15.76
C ALA A 163 14.48 21.15 -16.40
N MET A 164 14.45 21.07 -17.74
CA MET A 164 13.55 20.18 -18.46
C MET A 164 13.97 18.69 -18.38
N LYS A 165 15.19 18.39 -17.90
CA LYS A 165 15.68 17.01 -17.76
C LYS A 165 14.78 16.23 -16.79
N LYS A 166 14.56 16.79 -15.59
CA LYS A 166 13.77 16.16 -14.53
C LYS A 166 12.30 16.01 -14.95
N TRP A 167 11.77 16.99 -15.71
CA TRP A 167 10.40 16.96 -16.21
C TRP A 167 10.20 15.81 -17.19
N VAL A 168 11.13 15.63 -18.13
CA VAL A 168 11.08 14.57 -19.12
C VAL A 168 11.20 13.19 -18.45
N GLU A 169 11.94 13.08 -17.33
CA GLU A 169 12.07 11.81 -16.60
C GLU A 169 10.76 11.49 -15.87
N SER A 170 10.11 12.50 -15.26
CA SER A 170 8.84 12.26 -14.55
C SER A 170 7.73 11.84 -15.50
N ILE A 171 7.68 12.43 -16.70
CA ILE A 171 6.66 12.10 -17.69
C ILE A 171 6.89 10.67 -18.19
N THR A 172 8.15 10.33 -18.50
CA THR A 172 8.50 8.99 -18.97
C THR A 172 8.14 7.95 -17.90
N LYS A 173 8.51 8.24 -16.63
CA LYS A 173 8.18 7.38 -15.48
C LYS A 173 6.67 7.05 -15.42
N ILE A 174 5.81 8.04 -15.65
CA ILE A 174 4.36 7.86 -15.63
C ILE A 174 3.90 7.00 -16.82
N ILE A 175 4.37 7.32 -18.04
CA ILE A 175 3.98 6.58 -19.25
C ILE A 175 4.29 5.08 -19.12
N GLN A 176 5.49 4.74 -18.63
CA GLN A 176 5.86 3.34 -18.43
C GLN A 176 5.03 2.68 -17.33
N ARG A 177 4.72 3.41 -16.24
CA ARG A 177 3.89 2.86 -15.16
C ARG A 177 2.49 2.55 -15.70
N LYS A 178 1.91 3.46 -16.49
CA LYS A 178 0.58 3.27 -17.06
C LYS A 178 0.57 2.06 -18.01
N LYS A 179 1.61 1.94 -18.86
CA LYS A 179 1.74 0.82 -19.80
C LYS A 179 1.76 -0.54 -19.08
N ILE A 180 2.50 -0.62 -17.96
CA ILE A 180 2.62 -1.86 -17.17
C ILE A 180 1.32 -2.14 -16.42
N ALA A 181 0.68 -1.08 -15.87
CA ALA A 181 -0.57 -1.23 -15.14
C ALA A 181 -1.70 -1.78 -16.00
N ARG A 182 -1.62 -1.66 -17.35
CA ARG A 182 -2.64 -2.20 -18.26
C ARG A 182 -2.72 -3.73 -18.06
N ASP A 183 -1.54 -4.37 -18.00
CA ASP A 183 -1.43 -5.81 -17.79
C ASP A 183 -1.33 -6.07 -16.24
N ASN A 184 -0.11 -6.04 -15.64
CA ASN A 184 0.11 -6.27 -14.20
C ASN A 184 1.47 -5.70 -13.76
N THR A 191 -6.36 -5.74 1.48
CA THR A 191 -7.07 -4.46 1.37
C THR A 191 -8.16 -4.36 2.46
N PHE A 192 -8.97 -5.45 2.64
CA PHE A 192 -10.04 -5.52 3.65
C PHE A 192 -9.54 -5.11 5.04
N GLN A 193 -10.09 -4.03 5.63
CA GLN A 193 -9.70 -3.61 6.98
C GLN A 193 -10.19 -4.65 7.99
N SER A 194 -11.46 -5.04 7.88
CA SER A 194 -12.10 -6.06 8.73
C SER A 194 -12.37 -7.35 7.94
N SER A 195 -12.82 -8.42 8.61
CA SER A 195 -13.15 -9.67 7.93
C SER A 195 -14.49 -9.47 7.18
N PRO A 196 -14.65 -9.91 5.90
CA PRO A 196 -15.96 -9.75 5.25
C PRO A 196 -17.01 -10.73 5.83
N PRO A 197 -18.33 -10.45 5.74
CA PRO A 197 -19.32 -11.41 6.29
C PRO A 197 -19.40 -12.74 5.52
N THR A 198 -20.12 -13.71 6.09
CA THR A 198 -20.30 -15.03 5.45
C THR A 198 -21.22 -14.89 4.23
N VAL A 199 -20.81 -15.46 3.08
CA VAL A 199 -21.60 -15.46 1.87
C VAL A 199 -22.89 -16.25 2.12
N GLU A 200 -24.04 -15.55 2.06
CA GLU A 200 -25.36 -16.11 2.32
C GLU A 200 -25.90 -16.96 1.17
N TRP A 201 -26.50 -18.12 1.53
CA TRP A 201 -27.15 -19.04 0.60
C TRP A 201 -28.57 -19.33 1.09
N HIS A 202 -29.50 -19.59 0.15
CA HIS A 202 -30.91 -19.84 0.48
C HIS A 202 -31.32 -21.22 -0.11
N ILE A 203 -31.89 -21.31 -1.33
CA ILE A 203 -32.30 -22.59 -1.93
C ILE A 203 -31.18 -23.07 -2.85
N SER A 204 -30.69 -22.17 -3.74
CA SER A 204 -29.57 -22.48 -4.65
C SER A 204 -28.33 -22.81 -3.85
N ARG A 205 -27.63 -23.90 -4.20
CA ARG A 205 -26.42 -24.31 -3.51
C ARG A 205 -25.19 -23.74 -4.23
N PRO A 206 -24.04 -23.52 -3.54
CA PRO A 206 -22.85 -23.04 -4.26
C PRO A 206 -22.44 -24.00 -5.39
N GLY A 207 -22.26 -23.45 -6.60
CA GLY A 207 -21.89 -24.23 -7.79
C GLY A 207 -23.05 -24.63 -8.69
N HIS A 208 -24.28 -24.73 -8.14
CA HIS A 208 -25.47 -25.10 -8.91
C HIS A 208 -25.98 -23.87 -9.69
N ILE A 209 -25.14 -23.30 -10.58
CA ILE A 209 -25.47 -22.10 -11.35
C ILE A 209 -26.76 -22.25 -12.17
N GLU A 210 -27.13 -23.47 -12.53
CA GLU A 210 -28.36 -23.75 -13.28
C GLU A 210 -29.61 -23.37 -12.49
N THR A 211 -29.56 -23.42 -11.15
CA THR A 211 -30.71 -23.07 -10.30
C THR A 211 -30.71 -21.60 -9.83
N PHE A 212 -29.67 -20.82 -10.15
CA PHE A 212 -29.62 -19.42 -9.73
C PHE A 212 -30.78 -18.63 -10.34
N ASP A 213 -31.53 -17.92 -9.48
CA ASP A 213 -32.66 -17.09 -9.87
C ASP A 213 -33.05 -16.11 -8.73
N LEU A 214 -33.97 -15.18 -9.02
CA LEU A 214 -34.38 -14.15 -8.07
C LEU A 214 -34.81 -14.72 -6.70
N LEU A 215 -35.62 -15.80 -6.71
CA LEU A 215 -36.13 -16.37 -5.46
C LEU A 215 -35.27 -17.49 -4.90
N THR A 216 -34.40 -18.12 -5.70
CA THR A 216 -33.57 -19.23 -5.23
C THR A 216 -32.29 -18.74 -4.54
N LEU A 217 -31.76 -17.58 -4.96
CA LEU A 217 -30.58 -16.99 -4.33
C LEU A 217 -31.05 -16.25 -3.07
N HIS A 218 -30.15 -16.07 -2.08
CA HIS A 218 -30.50 -15.36 -0.84
C HIS A 218 -30.65 -13.86 -1.14
N PRO A 219 -31.75 -13.18 -0.71
CA PRO A 219 -31.88 -11.74 -1.04
C PRO A 219 -30.74 -10.86 -0.50
N ILE A 220 -30.07 -11.28 0.58
CA ILE A 220 -28.94 -10.52 1.11
C ILE A 220 -27.79 -10.61 0.12
N GLU A 221 -27.51 -11.82 -0.40
CA GLU A 221 -26.40 -12.05 -1.31
C GLU A 221 -26.63 -11.42 -2.69
N ILE A 222 -27.88 -11.33 -3.14
CA ILE A 222 -28.20 -10.67 -4.41
C ILE A 222 -27.81 -9.18 -4.31
N ALA A 223 -28.27 -8.51 -3.24
CA ALA A 223 -27.95 -7.10 -3.01
C ALA A 223 -26.46 -6.87 -2.81
N ARG A 224 -25.76 -7.76 -2.09
CA ARG A 224 -24.32 -7.63 -1.85
C ARG A 224 -23.52 -7.73 -3.14
N GLN A 225 -23.82 -8.72 -3.98
CA GLN A 225 -23.10 -8.93 -5.22
C GLN A 225 -23.42 -7.86 -6.25
N LEU A 226 -24.67 -7.41 -6.30
CA LEU A 226 -25.06 -6.32 -7.17
C LEU A 226 -24.37 -5.03 -6.73
N THR A 227 -24.24 -4.79 -5.43
CA THR A 227 -23.55 -3.60 -4.91
C THR A 227 -22.06 -3.65 -5.28
N LEU A 228 -21.45 -4.83 -5.23
CA LEU A 228 -20.05 -5.01 -5.62
C LEU A 228 -19.89 -4.72 -7.12
N LEU A 229 -20.79 -5.28 -7.94
CA LEU A 229 -20.77 -5.10 -9.40
C LEU A 229 -20.96 -3.63 -9.78
N GLU A 230 -21.95 -2.97 -9.18
CA GLU A 230 -22.25 -1.56 -9.43
C GLU A 230 -21.17 -0.65 -8.86
N SER A 231 -20.50 -1.04 -7.76
CA SER A 231 -19.41 -0.25 -7.20
C SER A 231 -18.25 -0.23 -8.22
N ASP A 232 -17.89 -1.39 -8.77
CA ASP A 232 -16.86 -1.52 -9.81
C ASP A 232 -17.23 -0.74 -11.08
N LEU A 233 -18.51 -0.78 -11.49
CA LEU A 233 -18.93 -0.07 -12.68
C LEU A 233 -18.86 1.43 -12.43
N TYR A 234 -19.31 1.88 -11.25
CA TYR A 234 -19.29 3.29 -10.85
C TYR A 234 -17.85 3.81 -10.79
N ARG A 235 -16.95 3.05 -10.16
CA ARG A 235 -15.56 3.44 -9.98
C ARG A 235 -14.75 3.53 -11.30
N ALA A 236 -15.15 2.81 -12.36
CA ALA A 236 -14.44 2.80 -13.65
C ALA A 236 -14.74 3.97 -14.57
N VAL A 237 -15.84 4.69 -14.34
CA VAL A 237 -16.24 5.80 -15.20
C VAL A 237 -15.31 7.00 -15.02
N GLN A 238 -14.74 7.51 -16.12
CA GLN A 238 -13.86 8.67 -16.07
C GLN A 238 -14.66 9.93 -16.44
N PRO A 239 -14.37 11.11 -15.85
CA PRO A 239 -15.14 12.32 -16.18
C PRO A 239 -15.33 12.65 -17.68
N SER A 240 -14.29 12.41 -18.52
CA SER A 240 -14.40 12.75 -19.96
C SER A 240 -15.46 11.94 -20.71
N GLU A 241 -15.78 10.75 -20.22
CA GLU A 241 -16.84 9.93 -20.83
C GLU A 241 -18.23 10.63 -20.76
N LEU A 242 -18.38 11.63 -19.87
CA LEU A 242 -19.61 12.38 -19.64
C LEU A 242 -19.62 13.76 -20.26
N VAL A 243 -18.46 14.30 -20.68
CA VAL A 243 -18.39 15.63 -21.25
C VAL A 243 -18.87 15.63 -22.70
N GLY A 244 -19.48 16.73 -23.13
CA GLY A 244 -20.00 16.89 -24.48
C GLY A 244 -21.07 15.90 -24.86
N SER A 245 -21.65 15.17 -23.84
CA SER A 245 -22.68 14.14 -24.05
C SER A 245 -22.20 13.06 -25.03
N VAL A 246 -20.88 12.79 -25.08
CA VAL A 246 -20.28 11.82 -26.01
C VAL A 246 -20.86 10.40 -25.89
N TRP A 247 -21.51 10.04 -24.78
CA TRP A 247 -22.13 8.71 -24.65
C TRP A 247 -23.40 8.56 -25.52
N THR A 248 -23.94 9.68 -26.04
CA THR A 248 -25.12 9.71 -26.91
C THR A 248 -24.75 9.95 -28.40
N LYS A 249 -23.48 10.29 -28.71
CA LYS A 249 -22.98 10.57 -30.06
C LYS A 249 -22.47 9.29 -30.77
N GLU A 250 -22.05 9.41 -32.06
CA GLU A 250 -21.58 8.29 -32.90
C GLU A 250 -20.49 7.40 -32.25
N ASP A 251 -19.37 8.00 -31.84
CA ASP A 251 -18.21 7.25 -31.34
C ASP A 251 -18.34 6.84 -29.86
N LYS A 252 -19.57 6.88 -29.29
CA LYS A 252 -19.87 6.55 -27.89
C LYS A 252 -19.19 5.32 -27.33
N GLU A 253 -19.02 4.25 -28.12
CA GLU A 253 -18.40 3.02 -27.64
C GLU A 253 -16.93 3.20 -27.24
N ILE A 254 -16.18 3.99 -28.01
CA ILE A 254 -14.77 4.24 -27.70
C ILE A 254 -14.61 5.38 -26.69
N ASN A 255 -15.48 6.41 -26.76
CA ASN A 255 -15.40 7.56 -25.88
C ASN A 255 -15.96 7.31 -24.47
N SER A 256 -17.03 6.51 -24.36
CA SER A 256 -17.72 6.23 -23.11
C SER A 256 -17.95 4.71 -22.88
N PRO A 257 -16.89 3.88 -22.85
CA PRO A 257 -17.11 2.43 -22.65
C PRO A 257 -17.56 2.03 -21.24
N ASN A 258 -17.07 2.73 -20.23
CA ASN A 258 -17.39 2.41 -18.84
C ASN A 258 -18.77 2.94 -18.46
N LEU A 259 -19.13 4.11 -18.97
CA LEU A 259 -20.44 4.71 -18.70
C LEU A 259 -21.54 3.90 -19.41
N LEU A 260 -21.32 3.50 -20.66
CA LEU A 260 -22.29 2.69 -21.39
C LEU A 260 -22.50 1.33 -20.73
N LYS A 261 -21.46 0.78 -20.10
CA LYS A 261 -21.54 -0.50 -19.38
C LYS A 261 -22.44 -0.32 -18.14
N MET A 262 -22.30 0.82 -17.43
CA MET A 262 -23.10 1.20 -16.26
C MET A 262 -24.58 1.38 -16.67
N ILE A 263 -24.84 2.10 -17.78
CA ILE A 263 -26.21 2.30 -18.26
C ILE A 263 -26.86 0.95 -18.68
N ARG A 264 -26.09 0.09 -19.37
CA ARG A 264 -26.63 -1.19 -19.83
C ARG A 264 -26.90 -2.14 -18.65
N HIS A 265 -26.09 -2.08 -17.58
CA HIS A 265 -26.35 -2.88 -16.39
C HIS A 265 -27.67 -2.42 -15.75
N THR A 266 -27.81 -1.12 -15.51
CA THR A 266 -29.00 -0.53 -14.90
C THR A 266 -30.27 -0.88 -15.70
N THR A 267 -30.19 -0.82 -17.03
CA THR A 267 -31.32 -1.15 -17.90
C THR A 267 -31.66 -2.64 -17.79
N ASN A 268 -30.64 -3.50 -17.84
CA ASN A 268 -30.81 -4.95 -17.75
C ASN A 268 -31.36 -5.40 -16.39
N LEU A 269 -30.88 -4.80 -15.30
CA LEU A 269 -31.34 -5.17 -13.97
C LEU A 269 -32.79 -4.73 -13.73
N THR A 270 -33.11 -3.48 -14.07
CA THR A 270 -34.45 -2.91 -13.94
C THR A 270 -35.46 -3.70 -14.77
N LEU A 271 -35.14 -3.96 -16.05
CA LEU A 271 -36.04 -4.72 -16.92
C LEU A 271 -36.13 -6.18 -16.52
N TRP A 272 -35.08 -6.74 -15.90
CA TRP A 272 -35.10 -8.11 -15.38
C TRP A 272 -36.03 -8.19 -14.17
N PHE A 273 -36.03 -7.17 -13.29
CA PHE A 273 -36.94 -7.16 -12.15
C PHE A 273 -38.38 -7.08 -12.65
N GLU A 274 -38.63 -6.24 -13.68
CA GLU A 274 -39.96 -6.10 -14.28
C GLU A 274 -40.43 -7.45 -14.85
N LYS A 275 -39.54 -8.10 -15.62
CA LYS A 275 -39.76 -9.41 -16.27
C LYS A 275 -40.09 -10.49 -15.23
N CYS A 276 -39.35 -10.54 -14.11
CA CYS A 276 -39.61 -11.49 -13.03
C CYS A 276 -41.02 -11.33 -12.49
N ILE A 277 -41.43 -10.08 -12.29
CA ILE A 277 -42.74 -9.77 -11.73
C ILE A 277 -43.88 -10.16 -12.71
N VAL A 278 -43.90 -9.55 -13.92
CA VAL A 278 -45.00 -9.76 -14.86
C VAL A 278 -45.05 -11.19 -15.44
N GLU A 279 -43.91 -11.88 -15.60
CA GLU A 279 -43.94 -13.27 -16.07
C GLU A 279 -44.35 -14.26 -14.95
N THR A 280 -44.52 -13.78 -13.70
CA THR A 280 -45.00 -14.61 -12.61
C THR A 280 -46.50 -14.32 -12.56
N GLU A 281 -47.27 -15.12 -13.31
CA GLU A 281 -48.69 -14.90 -13.52
C GLU A 281 -49.58 -15.24 -12.31
N ASN A 282 -49.16 -16.19 -11.45
CA ASN A 282 -49.93 -16.52 -10.24
C ASN A 282 -49.78 -15.34 -9.26
N LEU A 283 -50.90 -14.82 -8.76
CA LEU A 283 -50.91 -13.65 -7.89
C LEU A 283 -50.07 -13.86 -6.60
N GLU A 284 -50.32 -14.94 -5.86
CA GLU A 284 -49.60 -15.28 -4.61
C GLU A 284 -48.10 -15.34 -4.85
N GLU A 285 -47.69 -15.91 -5.99
CA GLU A 285 -46.30 -16.02 -6.38
C GLU A 285 -45.71 -14.67 -6.76
N ARG A 286 -46.49 -13.82 -7.43
CA ARG A 286 -46.01 -12.51 -7.86
C ARG A 286 -45.80 -11.62 -6.64
N VAL A 287 -46.71 -11.70 -5.65
CA VAL A 287 -46.60 -11.00 -4.37
C VAL A 287 -45.26 -11.41 -3.69
N ALA A 288 -44.91 -12.70 -3.72
CA ALA A 288 -43.64 -13.19 -3.17
C ALA A 288 -42.44 -12.57 -3.92
N VAL A 289 -42.52 -12.50 -5.26
CA VAL A 289 -41.51 -11.92 -6.16
C VAL A 289 -41.29 -10.41 -5.85
N VAL A 290 -42.38 -9.63 -5.81
CA VAL A 290 -42.30 -8.20 -5.50
C VAL A 290 -41.75 -8.00 -4.07
N SER A 291 -42.21 -8.82 -3.13
CA SER A 291 -41.76 -8.74 -1.75
C SER A 291 -40.27 -9.04 -1.62
N ARG A 292 -39.75 -9.94 -2.46
CA ARG A 292 -38.32 -10.27 -2.43
C ARG A 292 -37.49 -9.13 -2.99
N ILE A 293 -37.99 -8.42 -4.01
CA ILE A 293 -37.28 -7.29 -4.58
C ILE A 293 -37.25 -6.13 -3.56
N ILE A 294 -38.33 -5.94 -2.77
CA ILE A 294 -38.33 -4.90 -1.73
C ILE A 294 -37.27 -5.23 -0.68
N GLU A 295 -37.08 -6.51 -0.33
CA GLU A 295 -36.05 -6.91 0.63
C GLU A 295 -34.64 -6.67 0.09
N ILE A 296 -34.45 -6.87 -1.23
CA ILE A 296 -33.18 -6.60 -1.92
C ILE A 296 -32.87 -5.09 -1.78
N LEU A 297 -33.91 -4.23 -1.95
CA LEU A 297 -33.79 -2.79 -1.77
C LEU A 297 -33.46 -2.46 -0.31
N GLN A 298 -34.06 -3.18 0.67
CA GLN A 298 -33.78 -2.95 2.09
C GLN A 298 -32.31 -3.16 2.40
N VAL A 299 -31.69 -4.19 1.78
CA VAL A 299 -30.27 -4.51 1.95
C VAL A 299 -29.40 -3.49 1.16
N PHE A 300 -29.90 -2.99 0.01
CA PHE A 300 -29.19 -1.91 -0.72
C PHE A 300 -29.11 -0.66 0.20
N GLN A 301 -30.21 -0.33 0.90
CA GLN A 301 -30.25 0.77 1.87
C GLN A 301 -29.21 0.56 2.99
N GLU A 302 -29.12 -0.67 3.55
CA GLU A 302 -28.14 -1.00 4.60
C GLU A 302 -26.71 -0.75 4.10
N LEU A 303 -26.44 -1.12 2.84
CA LEU A 303 -25.15 -0.95 2.19
C LEU A 303 -24.92 0.45 1.60
N ASN A 304 -25.91 1.34 1.62
CA ASN A 304 -25.81 2.68 1.05
C ASN A 304 -25.61 2.64 -0.48
N ASN A 305 -26.22 1.65 -1.13
CA ASN A 305 -26.20 1.56 -2.56
C ASN A 305 -27.48 2.26 -3.02
N PHE A 306 -27.39 3.58 -3.22
CA PHE A 306 -28.53 4.36 -3.69
C PHE A 306 -28.80 4.08 -5.18
N ASN A 307 -27.78 3.59 -5.93
CA ASN A 307 -27.99 3.22 -7.33
C ASN A 307 -28.99 2.07 -7.42
N GLY A 308 -28.80 1.04 -6.58
CA GLY A 308 -29.66 -0.13 -6.55
C GLY A 308 -31.03 0.13 -5.99
N VAL A 309 -31.13 0.97 -4.94
CA VAL A 309 -32.41 1.37 -4.36
C VAL A 309 -33.27 2.03 -5.46
N LEU A 310 -32.68 2.97 -6.20
CA LEU A 310 -33.37 3.69 -7.25
C LEU A 310 -33.60 2.81 -8.52
N GLU A 311 -32.82 1.75 -8.74
CA GLU A 311 -33.12 0.76 -9.79
C GLU A 311 -34.40 -0.01 -9.45
N VAL A 312 -34.60 -0.37 -8.17
CA VAL A 312 -35.81 -1.05 -7.69
C VAL A 312 -37.00 -0.07 -7.77
N VAL A 313 -36.79 1.22 -7.42
CA VAL A 313 -37.83 2.26 -7.50
C VAL A 313 -38.28 2.43 -8.96
N SER A 314 -37.32 2.37 -9.90
CA SER A 314 -37.62 2.50 -11.33
C SER A 314 -38.43 1.30 -11.82
N ALA A 315 -38.05 0.08 -11.38
CA ALA A 315 -38.80 -1.12 -11.75
C ALA A 315 -40.25 -1.11 -11.22
N MET A 316 -40.45 -0.68 -9.96
CA MET A 316 -41.77 -0.65 -9.33
C MET A 316 -42.62 0.50 -9.87
N ASN A 317 -42.01 1.61 -10.28
CA ASN A 317 -42.74 2.73 -10.87
C ASN A 317 -43.02 2.54 -12.37
N SER A 318 -42.39 1.54 -13.03
CA SER A 318 -42.59 1.30 -14.46
C SER A 318 -44.07 1.06 -14.79
N SER A 319 -44.44 1.37 -16.05
CA SER A 319 -45.82 1.20 -16.51
C SER A 319 -46.40 -0.24 -16.26
N PRO A 320 -45.65 -1.35 -16.52
CA PRO A 320 -46.23 -2.69 -16.28
C PRO A 320 -46.38 -3.07 -14.81
N VAL A 321 -45.45 -2.64 -13.96
CA VAL A 321 -45.47 -3.04 -12.55
C VAL A 321 -46.36 -2.13 -11.69
N TYR A 322 -46.20 -0.81 -11.80
CA TYR A 322 -46.94 0.16 -10.94
C TYR A 322 -48.46 -0.07 -10.93
N ARG A 323 -49.01 -0.45 -12.06
CA ARG A 323 -50.45 -0.71 -12.22
C ARG A 323 -50.95 -2.02 -11.57
N LEU A 324 -50.07 -2.85 -10.99
CA LEU A 324 -50.46 -4.11 -10.39
C LEU A 324 -51.05 -3.97 -8.99
N ASP A 325 -52.23 -3.33 -8.92
CA ASP A 325 -52.94 -3.04 -7.65
C ASP A 325 -53.24 -4.26 -6.79
N HIS A 326 -53.54 -5.40 -7.44
CA HIS A 326 -53.84 -6.64 -6.71
C HIS A 326 -52.61 -7.20 -6.02
N THR A 327 -51.42 -6.98 -6.62
CA THR A 327 -50.14 -7.46 -6.10
C THR A 327 -49.72 -6.61 -4.89
N PHE A 328 -49.68 -5.29 -5.04
CA PHE A 328 -49.29 -4.40 -3.95
C PHE A 328 -50.30 -4.43 -2.80
N GLU A 329 -51.58 -4.79 -3.06
CA GLU A 329 -52.60 -4.93 -2.00
C GLU A 329 -52.16 -5.93 -0.92
N GLN A 330 -51.58 -7.05 -1.33
CA GLN A 330 -51.13 -8.10 -0.41
C GLN A 330 -49.74 -7.85 0.17
N ILE A 331 -49.00 -6.81 -0.31
CA ILE A 331 -47.67 -6.50 0.22
C ILE A 331 -47.78 -5.93 1.64
N PRO A 332 -47.03 -6.44 2.65
CA PRO A 332 -47.16 -5.88 4.01
C PRO A 332 -46.94 -4.37 4.09
N SER A 333 -47.78 -3.70 4.91
CA SER A 333 -47.76 -2.25 5.16
C SER A 333 -46.35 -1.66 5.36
N ARG A 334 -45.47 -2.38 6.07
CA ARG A 334 -44.11 -1.91 6.35
C ARG A 334 -43.25 -1.88 5.07
N GLN A 335 -43.39 -2.91 4.18
CA GLN A 335 -42.66 -2.93 2.91
C GLN A 335 -43.21 -1.87 1.95
N LYS A 336 -44.53 -1.61 2.00
CA LYS A 336 -45.18 -0.54 1.24
C LYS A 336 -44.56 0.81 1.63
N LYS A 337 -44.40 1.06 2.94
CA LYS A 337 -43.84 2.30 3.47
C LYS A 337 -42.37 2.46 3.06
N ILE A 338 -41.58 1.38 3.13
CA ILE A 338 -40.18 1.40 2.71
C ILE A 338 -40.06 1.81 1.21
N LEU A 339 -40.90 1.19 0.39
CA LEU A 339 -40.89 1.43 -1.05
C LEU A 339 -41.41 2.83 -1.41
N GLU A 340 -42.38 3.35 -0.63
CA GLU A 340 -42.88 4.71 -0.80
C GLU A 340 -41.79 5.73 -0.39
N GLU A 341 -41.14 5.55 0.78
CA GLU A 341 -40.06 6.46 1.21
C GLU A 341 -38.89 6.44 0.24
N ALA A 342 -38.61 5.29 -0.38
CA ALA A 342 -37.53 5.19 -1.38
C ALA A 342 -37.87 6.03 -2.61
N HIS A 343 -39.15 6.06 -3.02
CA HIS A 343 -39.62 6.89 -4.14
C HIS A 343 -39.42 8.36 -3.82
N GLU A 344 -39.79 8.75 -2.59
CA GLU A 344 -39.66 10.13 -2.12
C GLU A 344 -38.22 10.65 -2.20
N LEU A 345 -37.21 9.76 -2.30
CA LEU A 345 -35.82 10.15 -2.52
C LEU A 345 -35.70 10.97 -3.82
N SER A 346 -36.49 10.62 -4.85
CA SER A 346 -36.50 11.26 -6.18
C SER A 346 -37.32 12.54 -6.27
N GLU A 347 -38.33 12.71 -5.40
CA GLU A 347 -39.20 13.89 -5.43
C GLU A 347 -38.45 15.19 -5.15
N ASP A 348 -39.00 16.31 -5.66
CA ASP A 348 -38.45 17.66 -5.51
C ASP A 348 -36.99 17.71 -6.00
N HIS A 349 -36.76 17.22 -7.23
CA HIS A 349 -35.44 17.21 -7.87
C HIS A 349 -34.41 16.47 -7.03
N TYR A 350 -34.79 15.33 -6.44
CA TYR A 350 -33.93 14.49 -5.62
C TYR A 350 -33.42 15.20 -4.36
N LYS A 351 -34.31 15.95 -3.69
CA LYS A 351 -33.98 16.72 -2.48
C LYS A 351 -33.60 15.79 -1.31
N LYS A 352 -34.42 14.77 -1.02
CA LYS A 352 -34.15 13.87 0.09
C LYS A 352 -32.93 12.99 -0.20
N TYR A 353 -32.80 12.53 -1.45
CA TYR A 353 -31.65 11.75 -1.89
C TYR A 353 -30.33 12.50 -1.62
N LEU A 354 -30.22 13.76 -2.07
CA LEU A 354 -29.00 14.56 -1.88
C LEU A 354 -28.70 14.77 -0.39
N ALA A 355 -29.74 14.98 0.43
CA ALA A 355 -29.57 15.10 1.88
C ALA A 355 -29.02 13.78 2.49
N LYS A 356 -29.54 12.62 2.03
CA LYS A 356 -29.09 11.29 2.49
C LYS A 356 -27.67 10.95 2.06
N LEU A 357 -27.30 11.32 0.83
CA LEU A 357 -25.95 11.04 0.31
C LEU A 357 -24.88 11.77 1.12
N ARG A 358 -25.10 13.06 1.39
CA ARG A 358 -24.15 13.88 2.14
C ARG A 358 -24.04 13.44 3.62
N SER A 359 -25.17 13.11 4.25
CA SER A 359 -25.21 12.72 5.67
C SER A 359 -24.78 11.27 5.96
N ILE A 360 -24.37 10.49 4.95
CA ILE A 360 -24.04 9.07 5.12
C ILE A 360 -22.53 8.85 5.30
N ASN A 361 -22.19 7.70 5.90
CA ASN A 361 -20.82 7.30 6.16
C ASN A 361 -20.41 6.32 5.05
N PRO A 362 -19.18 6.42 4.52
CA PRO A 362 -18.78 5.50 3.44
C PRO A 362 -18.63 4.04 3.89
N PRO A 363 -18.66 3.08 2.95
CA PRO A 363 -18.76 3.24 1.50
C PRO A 363 -20.19 3.34 0.99
N CYS A 364 -20.34 3.82 -0.24
CA CYS A 364 -21.64 3.96 -0.90
C CYS A 364 -21.50 3.85 -2.43
N VAL A 365 -22.63 3.53 -3.10
CA VAL A 365 -22.71 3.47 -4.56
C VAL A 365 -23.78 4.52 -4.90
N PRO A 366 -23.37 5.77 -5.17
CA PRO A 366 -24.36 6.80 -5.48
C PRO A 366 -25.21 6.49 -6.71
N PHE A 367 -26.35 7.17 -6.81
CA PHE A 367 -27.25 7.02 -7.95
C PHE A 367 -26.64 7.75 -9.14
N PHE A 368 -26.31 7.03 -10.22
CA PHE A 368 -25.63 7.61 -11.38
C PHE A 368 -26.54 8.41 -12.31
N GLY A 369 -27.79 8.01 -12.43
CA GLY A 369 -28.75 8.69 -13.30
C GLY A 369 -28.90 10.18 -13.10
N ILE A 370 -28.83 10.66 -11.84
CA ILE A 370 -28.98 12.08 -11.53
C ILE A 370 -27.87 12.90 -12.18
N TYR A 371 -26.63 12.38 -12.15
CA TYR A 371 -25.46 13.02 -12.74
C TYR A 371 -25.64 13.14 -14.25
N LEU A 372 -26.11 12.08 -14.91
CA LEU A 372 -26.33 12.08 -16.36
C LEU A 372 -27.41 13.10 -16.73
N THR A 373 -28.51 13.11 -15.97
CA THR A 373 -29.61 14.06 -16.16
C THR A 373 -29.12 15.50 -16.04
N ASN A 374 -28.34 15.82 -14.98
CA ASN A 374 -27.85 17.18 -14.73
C ASN A 374 -26.81 17.61 -15.78
N ILE A 375 -25.99 16.67 -16.27
CA ILE A 375 -25.00 16.98 -17.30
C ILE A 375 -25.75 17.27 -18.62
N LEU A 376 -26.76 16.47 -18.96
CA LEU A 376 -27.55 16.70 -20.17
C LEU A 376 -28.25 18.07 -20.09
N LYS A 377 -28.74 18.45 -18.91
CA LYS A 377 -29.36 19.76 -18.68
C LYS A 377 -28.35 20.89 -18.93
N THR A 378 -27.13 20.73 -18.41
CA THR A 378 -26.05 21.70 -18.62
C THR A 378 -25.61 21.76 -20.10
N GLU A 379 -25.44 20.60 -20.75
CA GLU A 379 -25.05 20.55 -22.15
C GLU A 379 -26.08 21.21 -23.07
N GLU A 380 -27.37 20.91 -22.87
CA GLU A 380 -28.43 21.45 -23.73
C GLU A 380 -28.82 22.88 -23.40
N GLY A 381 -28.62 23.30 -22.15
CA GLY A 381 -29.00 24.61 -21.68
C GLY A 381 -27.95 25.69 -21.75
N ASN A 382 -26.77 25.38 -22.30
CA ASN A 382 -25.68 26.34 -22.44
C ASN A 382 -25.13 26.26 -23.86
N PRO A 383 -24.83 27.39 -24.50
CA PRO A 383 -24.35 27.35 -25.89
C PRO A 383 -22.90 26.90 -25.98
N GLU A 384 -22.57 26.18 -27.07
CA GLU A 384 -21.22 25.69 -27.31
C GLU A 384 -20.19 26.83 -27.43
N VAL A 385 -20.62 27.96 -28.00
CA VAL A 385 -19.79 29.14 -28.18
C VAL A 385 -20.52 30.41 -27.73
N LEU A 386 -19.74 31.47 -27.45
CA LEU A 386 -20.21 32.82 -27.12
C LEU A 386 -19.78 33.74 -28.26
N LYS A 387 -20.63 34.73 -28.63
CA LYS A 387 -20.35 35.65 -29.73
C LYS A 387 -19.91 37.02 -29.22
N ARG A 388 -18.78 37.55 -29.70
CA ARG A 388 -18.29 38.86 -29.29
C ARG A 388 -17.66 39.56 -30.49
N HIS A 389 -18.31 40.62 -31.00
CA HIS A 389 -17.81 41.38 -32.16
C HIS A 389 -17.73 40.52 -33.42
N GLY A 390 -18.76 39.70 -33.64
CA GLY A 390 -18.84 38.81 -34.78
C GLY A 390 -17.88 37.64 -34.80
N LYS A 391 -17.18 37.39 -33.66
CA LYS A 391 -16.20 36.31 -33.52
C LYS A 391 -16.76 35.25 -32.55
N GLU A 392 -16.40 33.96 -32.75
CA GLU A 392 -16.86 32.85 -31.89
C GLU A 392 -15.79 32.43 -30.90
N LEU A 393 -16.16 32.39 -29.61
CA LEU A 393 -15.27 31.96 -28.54
C LEU A 393 -15.86 30.74 -27.87
N ILE A 394 -15.04 29.74 -27.56
CA ILE A 394 -15.51 28.53 -26.89
C ILE A 394 -15.99 28.88 -25.50
N ASN A 395 -17.26 28.53 -25.18
CA ASN A 395 -17.84 28.78 -23.86
C ASN A 395 -17.15 27.79 -22.93
N PHE A 396 -16.12 28.25 -22.21
CA PHE A 396 -15.37 27.38 -21.32
C PHE A 396 -16.12 27.16 -20.00
N SER A 397 -16.82 28.18 -19.48
CA SER A 397 -17.61 28.02 -18.24
C SER A 397 -18.64 26.90 -18.34
N LYS A 398 -19.09 26.58 -19.57
CA LYS A 398 -20.01 25.46 -19.79
C LYS A 398 -19.27 24.17 -19.45
N ARG A 399 -18.06 24.00 -19.98
CA ARG A 399 -17.22 22.84 -19.72
C ARG A 399 -16.88 22.77 -18.24
N ARG A 400 -16.52 23.90 -17.62
CA ARG A 400 -16.21 23.94 -16.18
C ARG A 400 -17.37 23.41 -15.32
N LYS A 401 -18.62 23.79 -15.66
CA LYS A 401 -19.81 23.37 -14.91
C LYS A 401 -20.01 21.85 -15.05
N VAL A 402 -19.81 21.29 -16.24
CA VAL A 402 -19.90 19.85 -16.45
C VAL A 402 -18.77 19.16 -15.65
N ALA A 403 -17.57 19.75 -15.63
CA ALA A 403 -16.43 19.21 -14.88
C ALA A 403 -16.69 19.21 -13.36
N GLU A 404 -17.43 20.19 -12.84
CA GLU A 404 -17.79 20.26 -11.42
C GLU A 404 -18.73 19.11 -11.08
N ILE A 405 -19.69 18.80 -11.98
CA ILE A 405 -20.61 17.69 -11.75
C ILE A 405 -19.83 16.35 -11.73
N THR A 406 -18.90 16.17 -12.68
CA THR A 406 -18.08 14.95 -12.71
C THR A 406 -17.15 14.85 -11.49
N GLY A 407 -16.77 16.00 -10.90
CA GLY A 407 -15.96 16.02 -9.69
C GLY A 407 -16.72 15.48 -8.50
N GLU A 408 -18.04 15.72 -8.46
CA GLU A 408 -18.93 15.17 -7.43
C GLU A 408 -18.99 13.64 -7.57
N ILE A 409 -18.90 13.10 -8.80
CA ILE A 409 -18.87 11.67 -9.06
C ILE A 409 -17.56 11.10 -8.49
N GLN A 410 -16.42 11.71 -8.84
CA GLN A 410 -15.09 11.26 -8.41
C GLN A 410 -14.91 11.18 -6.89
N GLN A 411 -15.58 12.05 -6.11
CA GLN A 411 -15.42 12.05 -4.66
C GLN A 411 -15.95 10.76 -3.95
N TYR A 412 -16.70 9.89 -4.66
CA TYR A 412 -17.21 8.61 -4.12
C TYR A 412 -16.56 7.37 -4.76
N GLN A 413 -15.67 7.55 -5.76
CA GLN A 413 -15.04 6.43 -6.46
C GLN A 413 -13.90 5.72 -5.69
N ASN A 414 -13.55 6.13 -4.46
CA ASN A 414 -12.48 5.48 -3.69
C ASN A 414 -13.09 4.86 -2.42
N GLN A 415 -14.22 4.17 -2.58
CA GLN A 415 -14.96 3.57 -1.48
C GLN A 415 -15.23 2.07 -1.73
N PRO A 416 -14.22 1.20 -1.56
CA PRO A 416 -14.45 -0.23 -1.75
C PRO A 416 -15.24 -0.84 -0.59
N TYR A 417 -16.05 -1.86 -0.88
CA TYR A 417 -16.84 -2.54 0.13
C TYR A 417 -16.10 -3.72 0.72
N CYS A 418 -16.35 -3.98 2.00
CA CYS A 418 -15.78 -5.12 2.71
C CYS A 418 -16.79 -6.28 2.57
N LEU A 419 -16.90 -6.80 1.35
CA LEU A 419 -17.80 -7.89 1.00
C LEU A 419 -17.07 -8.85 0.08
N ARG A 420 -17.28 -10.15 0.30
CA ARG A 420 -16.63 -11.20 -0.47
C ARG A 420 -17.33 -11.39 -1.81
N VAL A 421 -16.57 -11.34 -2.90
CA VAL A 421 -17.09 -11.58 -4.24
C VAL A 421 -17.38 -13.07 -4.37
N GLU A 422 -18.52 -13.41 -5.00
CA GLU A 422 -18.89 -14.78 -5.28
C GLU A 422 -18.96 -14.81 -6.79
N SER A 423 -17.92 -15.36 -7.42
CA SER A 423 -17.74 -15.41 -8.88
C SER A 423 -18.97 -15.85 -9.69
N ASP A 424 -19.69 -16.87 -9.23
CA ASP A 424 -20.85 -17.40 -9.94
C ASP A 424 -22.06 -16.47 -9.86
N ILE A 425 -22.31 -15.87 -8.70
CA ILE A 425 -23.43 -14.94 -8.54
C ILE A 425 -23.12 -13.67 -9.33
N LYS A 426 -21.85 -13.20 -9.27
CA LYS A 426 -21.36 -12.05 -10.03
C LYS A 426 -21.62 -12.25 -11.53
N ARG A 427 -21.28 -13.45 -12.05
CA ARG A 427 -21.45 -13.76 -13.47
C ARG A 427 -22.94 -13.81 -13.85
N PHE A 428 -23.80 -14.37 -12.97
CA PHE A 428 -25.23 -14.45 -13.20
C PHE A 428 -25.82 -13.05 -13.45
N PHE A 429 -25.38 -12.05 -12.66
CA PHE A 429 -25.85 -10.66 -12.78
C PHE A 429 -25.15 -9.87 -13.90
N GLU A 430 -23.88 -10.20 -14.22
CA GLU A 430 -23.19 -9.58 -15.35
C GLU A 430 -23.84 -10.02 -16.67
N ASN A 431 -24.30 -11.30 -16.76
CA ASN A 431 -24.89 -11.86 -17.96
C ASN A 431 -26.41 -11.89 -17.98
N LEU A 432 -27.06 -10.88 -17.39
CA LEU A 432 -28.52 -10.80 -17.43
C LEU A 432 -28.87 -10.21 -18.78
N ASN A 433 -29.82 -10.85 -19.48
CA ASN A 433 -30.25 -10.42 -20.81
C ASN A 433 -31.77 -10.56 -20.87
N PRO A 434 -32.52 -9.77 -20.09
CA PRO A 434 -34.00 -9.92 -20.10
C PRO A 434 -34.68 -9.74 -21.46
N MET A 435 -34.16 -8.83 -22.29
CA MET A 435 -34.70 -8.52 -23.60
C MET A 435 -34.45 -9.64 -24.61
N GLY A 436 -33.32 -10.32 -24.50
CA GLY A 436 -32.96 -11.39 -25.43
C GLY A 436 -32.59 -10.81 -26.78
N ASN A 437 -33.29 -11.24 -27.84
CA ASN A 437 -33.05 -10.68 -29.18
C ASN A 437 -34.01 -9.51 -29.51
N SER A 438 -34.87 -9.09 -28.55
CA SER A 438 -35.81 -7.98 -28.74
C SER A 438 -35.16 -6.63 -28.46
N MET A 439 -35.67 -5.58 -29.11
CA MET A 439 -35.24 -4.21 -28.84
C MET A 439 -35.93 -3.74 -27.55
N GLU A 440 -35.41 -2.70 -26.87
CA GLU A 440 -35.98 -2.22 -25.62
C GLU A 440 -37.46 -1.81 -25.76
N LYS A 441 -37.82 -1.06 -26.82
CA LYS A 441 -39.22 -0.67 -27.04
C LYS A 441 -40.13 -1.91 -27.19
N GLU A 442 -39.68 -2.92 -27.98
CA GLU A 442 -40.44 -4.16 -28.18
C GLU A 442 -40.67 -4.87 -26.84
N PHE A 443 -39.60 -5.01 -26.04
CA PHE A 443 -39.66 -5.71 -24.76
C PHE A 443 -40.55 -4.97 -23.74
N THR A 444 -40.46 -3.63 -23.66
CA THR A 444 -41.29 -2.88 -22.72
C THR A 444 -42.77 -2.93 -23.11
N ASP A 445 -43.07 -3.00 -24.42
CA ASP A 445 -44.45 -3.17 -24.89
C ASP A 445 -44.94 -4.59 -24.51
N TYR A 446 -44.04 -5.59 -24.58
CA TYR A 446 -44.34 -6.97 -24.19
C TYR A 446 -44.66 -7.01 -22.68
N LEU A 447 -43.83 -6.36 -21.85
CA LEU A 447 -44.04 -6.33 -20.40
C LEU A 447 -45.38 -5.66 -20.03
N PHE A 448 -45.73 -4.58 -20.75
CA PHE A 448 -46.99 -3.88 -20.48
C PHE A 448 -48.20 -4.71 -20.92
N ASN A 449 -48.11 -5.38 -22.09
CA ASN A 449 -49.19 -6.27 -22.54
C ASN A 449 -49.29 -7.50 -21.59
N LYS A 450 -48.17 -7.95 -21.03
CA LYS A 450 -48.12 -9.06 -20.07
C LYS A 450 -48.82 -8.65 -18.76
N SER A 451 -48.59 -7.40 -18.32
CA SER A 451 -49.25 -6.82 -17.15
C SER A 451 -50.77 -6.85 -17.33
N LEU A 452 -51.26 -6.45 -18.52
CA LEU A 452 -52.68 -6.45 -18.85
C LEU A 452 -53.25 -7.87 -18.89
N GLU A 453 -52.43 -8.87 -19.24
CA GLU A 453 -52.85 -10.26 -19.25
C GLU A 453 -53.07 -10.78 -17.81
N ILE A 454 -52.05 -10.66 -16.94
CA ILE A 454 -52.09 -11.16 -15.56
C ILE A 454 -53.06 -10.39 -14.65
N GLU A 455 -53.25 -9.07 -14.89
CA GLU A 455 -54.15 -8.21 -14.12
C GLU A 455 -54.89 -7.25 -15.07
N PRO A 456 -55.98 -7.71 -15.72
CA PRO A 456 -56.72 -6.83 -16.65
C PRO A 456 -57.33 -5.58 -16.00
N ARG A 457 -57.70 -4.58 -16.83
CA ARG A 457 -58.33 -3.34 -16.34
C ARG A 457 -59.64 -3.64 -15.57
N ASN A 458 -59.95 -2.83 -14.52
CA ASN A 458 -61.05 -2.99 -13.56
C ASN A 458 -62.42 -3.56 -14.10
N PRO A 459 -62.98 -3.11 -15.26
CA PRO A 459 -64.26 -3.73 -15.71
C PRO A 459 -64.08 -5.23 -15.96
N LYS A 460 -62.96 -5.62 -16.60
CA LYS A 460 -62.65 -7.02 -16.87
C LYS A 460 -62.17 -7.67 -15.55
N PRO A 461 -62.61 -8.90 -15.17
CA PRO A 461 -62.18 -9.48 -13.88
C PRO A 461 -60.75 -10.05 -13.87
N LEU A 462 -60.30 -10.47 -12.66
CA LEU A 462 -58.97 -11.01 -12.43
C LEU A 462 -58.96 -12.56 -12.61
N PRO A 463 -58.36 -13.09 -13.68
CA PRO A 463 -58.31 -14.55 -13.85
C PRO A 463 -57.24 -15.19 -12.98
N ARG A 464 -57.37 -16.50 -12.76
CA ARG A 464 -56.43 -17.28 -11.96
C ARG A 464 -55.48 -18.03 -12.87
N PHE A 465 -54.20 -18.03 -12.52
CA PHE A 465 -53.15 -18.67 -13.31
C PHE A 465 -52.41 -19.71 -12.48
N PRO A 466 -51.85 -20.76 -13.13
CA PRO A 466 -51.15 -21.79 -12.36
C PRO A 466 -49.77 -21.38 -11.85
N LYS A 467 -49.32 -22.05 -10.80
CA LYS A 467 -48.01 -21.79 -10.21
C LYS A 467 -46.88 -22.25 -11.14
N LYS A 468 -45.76 -21.52 -11.12
CA LYS A 468 -44.59 -21.83 -11.93
C LYS A 468 -43.34 -22.20 -11.11
N TYR A 469 -43.41 -22.12 -9.77
CA TYR A 469 -42.27 -22.38 -8.90
C TYR A 469 -42.50 -23.66 -8.12
N SER A 470 -41.56 -24.61 -8.20
CA SER A 470 -41.65 -25.91 -7.52
C SER A 470 -40.79 -25.93 -6.24
N TYR A 471 -40.62 -24.75 -5.59
CA TYR A 471 -39.83 -24.60 -4.38
C TYR A 471 -40.51 -23.62 -3.41
N PRO A 472 -40.10 -23.53 -2.12
CA PRO A 472 -40.79 -22.63 -1.19
C PRO A 472 -40.61 -21.15 -1.53
N LEU A 473 -41.70 -20.40 -1.47
CA LEU A 473 -41.70 -18.95 -1.75
C LEU A 473 -41.36 -18.12 -0.50
N LYS A 474 -41.36 -18.72 0.71
CA LYS A 474 -41.04 -17.99 1.94
C LYS A 474 -39.61 -17.46 1.86
N SER A 475 -39.41 -16.22 2.30
CA SER A 475 -38.12 -15.59 2.26
C SER A 475 -37.33 -15.89 3.52
N PRO A 476 -36.00 -16.04 3.40
CA PRO A 476 -35.18 -16.20 4.62
C PRO A 476 -34.98 -14.87 5.39
N GLY A 477 -35.34 -13.73 4.78
CA GLY A 477 -35.26 -12.42 5.40
C GLY A 477 -34.01 -11.62 5.06
N VAL A 478 -33.86 -10.47 5.75
CA VAL A 478 -32.75 -9.52 5.59
C VAL A 478 -31.77 -9.53 6.78
N ARG A 479 -32.08 -10.24 7.90
CA ARG A 479 -31.18 -10.36 9.03
C ARG A 479 -30.10 -11.40 8.66
N PRO A 480 -28.80 -11.07 8.80
CA PRO A 480 -27.75 -12.03 8.41
C PRO A 480 -27.54 -13.18 9.41
N SER A 481 -26.65 -14.12 9.07
CA SER A 481 -26.31 -15.26 9.92
C SER A 481 -24.86 -15.12 10.36
N ASN A 482 -24.66 -14.54 11.57
CA ASN A 482 -23.33 -14.31 12.16
C ASN A 482 -23.30 -14.84 13.59
N GLY B 1 -3.78 -45.24 36.45
CA GLY B 1 -4.55 -44.34 37.30
C GLY B 1 -5.62 -43.60 36.54
N GLU B 2 -6.71 -43.18 37.21
CA GLU B 2 -7.82 -42.48 36.56
C GLU B 2 -7.44 -41.14 35.91
N GLU B 3 -6.29 -40.55 36.25
CA GLU B 3 -5.86 -39.29 35.66
C GLU B 3 -5.56 -39.53 34.17
N GLN B 4 -4.79 -40.61 33.87
CA GLN B 4 -4.44 -40.96 32.49
C GLN B 4 -5.61 -41.64 31.74
N MET B 5 -6.51 -42.35 32.46
CA MET B 5 -7.67 -42.96 31.82
C MET B 5 -8.62 -41.86 31.28
N ARG B 6 -8.70 -40.69 31.96
CA ARG B 6 -9.51 -39.56 31.51
C ARG B 6 -8.92 -38.92 30.25
N LEU B 7 -7.59 -38.84 30.15
CA LEU B 7 -6.94 -38.27 28.98
C LEU B 7 -7.05 -39.22 27.78
N PRO B 8 -6.97 -38.74 26.52
CA PRO B 8 -7.13 -39.65 25.38
C PRO B 8 -6.07 -40.72 25.22
N SER B 9 -6.45 -41.80 24.52
CA SER B 9 -5.58 -42.94 24.24
C SER B 9 -4.51 -42.55 23.21
N ALA B 10 -3.34 -43.21 23.27
CA ALA B 10 -2.24 -42.91 22.36
C ALA B 10 -2.56 -43.22 20.89
N ASP B 11 -3.39 -44.25 20.65
CA ASP B 11 -3.76 -44.65 19.27
C ASP B 11 -4.77 -43.70 18.59
N VAL B 12 -5.26 -42.67 19.30
CA VAL B 12 -6.18 -41.66 18.77
C VAL B 12 -5.66 -40.20 19.01
N TYR B 13 -4.56 -40.02 19.77
CA TYR B 13 -4.03 -38.70 20.09
C TYR B 13 -2.57 -38.80 20.58
N ARG B 14 -1.65 -37.99 20.03
CA ARG B 14 -0.23 -38.06 20.40
C ARG B 14 0.24 -37.13 21.55
N PHE B 15 -0.58 -36.16 21.96
CA PHE B 15 -0.17 -35.18 22.96
C PHE B 15 -0.66 -35.46 24.38
N ALA B 16 -0.98 -36.73 24.72
CA ALA B 16 -1.46 -37.14 26.04
C ALA B 16 -0.62 -38.23 26.70
N GLU B 17 0.54 -38.61 26.12
CA GLU B 17 1.41 -39.60 26.76
C GLU B 17 1.96 -39.01 28.06
N PRO B 18 2.09 -39.81 29.14
CA PRO B 18 2.60 -39.24 30.40
C PRO B 18 4.05 -38.81 30.30
N ASP B 19 4.41 -37.75 31.06
CA ASP B 19 5.78 -37.26 31.11
C ASP B 19 6.69 -38.32 31.71
N SER B 20 7.94 -38.32 31.28
CA SER B 20 8.97 -39.24 31.77
C SER B 20 10.38 -38.64 31.53
N GLU B 21 11.42 -39.25 32.13
CA GLU B 21 12.79 -38.79 31.94
C GLU B 21 13.28 -38.92 30.47
N GLU B 22 12.54 -39.63 29.60
CA GLU B 22 12.91 -39.86 28.20
C GLU B 22 12.11 -38.98 27.19
N ASN B 23 11.26 -38.04 27.65
CA ASN B 23 10.55 -37.15 26.73
C ASN B 23 10.52 -35.66 27.18
N ILE B 24 10.79 -35.33 28.47
CA ILE B 24 10.80 -33.95 28.93
C ILE B 24 11.69 -33.78 30.16
N ILE B 25 12.51 -32.71 30.18
CA ILE B 25 13.40 -32.36 31.29
C ILE B 25 13.10 -30.93 31.72
N PHE B 26 13.25 -30.65 33.01
CA PHE B 26 13.02 -29.32 33.57
C PHE B 26 14.25 -28.81 34.34
N GLU B 27 14.33 -27.49 34.53
CA GLU B 27 15.40 -26.83 35.29
C GLU B 27 15.03 -26.78 36.81
N GLU B 28 15.96 -26.29 37.65
CA GLU B 28 15.78 -26.15 39.11
C GLU B 28 14.61 -25.20 39.51
N ASN B 29 13.41 -25.76 39.72
CA ASN B 29 12.24 -24.95 40.10
C ASN B 29 12.23 -24.65 41.62
N MET B 30 12.51 -23.38 42.00
CA MET B 30 12.53 -22.90 43.39
C MET B 30 11.33 -21.99 43.66
N GLY B 35 4.50 -22.17 41.30
CA GLY B 35 5.25 -21.63 40.17
C GLY B 35 5.25 -22.54 38.96
N ILE B 36 5.36 -21.94 37.76
CA ILE B 36 5.41 -22.68 36.49
C ILE B 36 6.80 -23.30 36.34
N PRO B 37 6.93 -24.62 36.07
CA PRO B 37 8.28 -25.20 35.87
C PRO B 37 8.91 -24.77 34.54
N ILE B 38 10.24 -24.55 34.53
CA ILE B 38 10.96 -24.12 33.31
C ILE B 38 11.46 -25.34 32.53
N ILE B 39 11.07 -25.45 31.25
CA ILE B 39 11.44 -26.57 30.38
C ILE B 39 12.90 -26.46 29.87
N LYS B 40 13.75 -27.46 30.22
CA LYS B 40 15.14 -27.52 29.77
C LYS B 40 15.25 -28.23 28.43
N ALA B 41 14.53 -29.34 28.27
CA ALA B 41 14.58 -30.15 27.07
C ALA B 41 13.28 -30.95 26.89
N GLY B 42 13.05 -31.44 25.68
CA GLY B 42 11.89 -32.25 25.39
C GLY B 42 11.76 -32.58 23.92
N THR B 43 10.97 -33.62 23.61
CA THR B 43 10.68 -33.95 22.22
C THR B 43 9.80 -32.82 21.64
N VAL B 44 9.70 -32.72 20.31
CA VAL B 44 8.83 -31.68 19.69
C VAL B 44 7.37 -31.85 20.18
N ILE B 45 6.91 -33.10 20.37
CA ILE B 45 5.54 -33.38 20.83
C ILE B 45 5.31 -32.88 22.26
N LYS B 46 6.28 -33.06 23.16
CA LYS B 46 6.14 -32.59 24.55
C LYS B 46 6.29 -31.05 24.61
N LEU B 47 7.05 -30.45 23.67
CA LEU B 47 7.18 -28.99 23.57
C LEU B 47 5.85 -28.39 23.11
N ILE B 48 5.20 -29.00 22.10
CA ILE B 48 3.89 -28.55 21.61
C ILE B 48 2.83 -28.70 22.71
N GLU B 49 2.84 -29.85 23.41
CA GLU B 49 1.91 -30.13 24.52
C GLU B 49 2.02 -29.05 25.60
N ARG B 50 3.24 -28.71 26.04
CA ARG B 50 3.46 -27.67 27.05
C ARG B 50 3.21 -26.26 26.53
N LEU B 51 3.44 -26.04 25.24
CA LEU B 51 3.16 -24.77 24.56
C LEU B 51 1.66 -24.44 24.61
N THR B 52 0.80 -25.47 24.67
CA THR B 52 -0.64 -25.33 24.74
C THR B 52 -1.21 -26.14 25.94
N TYR B 53 -0.52 -26.10 27.11
CA TYR B 53 -0.90 -26.88 28.30
C TYR B 53 -2.29 -26.52 28.85
N HIS B 54 -3.10 -27.52 29.22
CA HIS B 54 -4.46 -27.26 29.71
C HIS B 54 -4.55 -26.63 31.12
N MET B 55 -3.57 -26.93 31.99
N MET B 55 -3.59 -26.94 32.02
CA MET B 55 -3.57 -26.47 33.38
CA MET B 55 -3.65 -26.44 33.39
C MET B 55 -3.33 -24.96 33.56
C MET B 55 -3.35 -24.95 33.56
N TYR B 56 -2.55 -24.34 32.67
CA TYR B 56 -2.23 -22.92 32.80
C TYR B 56 -1.66 -22.29 31.54
N ALA B 57 -1.74 -20.95 31.46
CA ALA B 57 -1.13 -20.22 30.36
C ALA B 57 0.37 -20.08 30.71
N ASP B 58 1.19 -19.87 29.69
CA ASP B 58 2.65 -19.77 29.86
C ASP B 58 3.18 -18.75 28.82
N PRO B 59 2.90 -17.44 29.03
CA PRO B 59 3.35 -16.44 28.06
C PRO B 59 4.85 -16.40 27.79
N ASN B 60 5.68 -16.65 28.81
CA ASN B 60 7.13 -16.63 28.62
C ASN B 60 7.56 -17.75 27.65
N PHE B 61 7.04 -18.97 27.85
CA PHE B 61 7.38 -20.09 26.99
C PHE B 61 6.86 -19.87 25.57
N VAL B 62 5.61 -19.38 25.41
CA VAL B 62 5.03 -19.07 24.10
C VAL B 62 5.92 -18.08 23.34
N ARG B 63 6.37 -17.02 24.02
CA ARG B 63 7.23 -16.00 23.42
C ARG B 63 8.58 -16.59 22.97
N THR B 64 9.23 -17.38 23.84
CA THR B 64 10.54 -17.98 23.54
C THR B 64 10.44 -19.01 22.40
N PHE B 65 9.44 -19.89 22.48
CA PHE B 65 9.18 -20.91 21.47
C PHE B 65 8.95 -20.29 20.10
N LEU B 66 8.03 -19.32 19.98
CA LEU B 66 7.72 -18.71 18.70
C LEU B 66 8.90 -17.88 18.12
N THR B 67 9.85 -17.47 18.94
CA THR B 67 11.06 -16.76 18.48
C THR B 67 12.11 -17.75 17.96
N THR B 68 12.22 -18.93 18.60
CA THR B 68 13.28 -19.90 18.30
C THR B 68 12.90 -21.24 17.65
N TYR B 69 11.62 -21.52 17.42
CA TYR B 69 11.20 -22.84 16.94
C TYR B 69 11.76 -23.23 15.60
N ARG B 70 12.05 -22.25 14.71
CA ARG B 70 12.54 -22.56 13.36
C ARG B 70 13.91 -23.27 13.36
N SER B 71 14.62 -23.27 14.49
CA SER B 71 15.91 -23.96 14.63
C SER B 71 15.77 -25.48 14.83
N PHE B 72 14.55 -25.97 15.12
CA PHE B 72 14.26 -27.39 15.31
C PHE B 72 12.93 -27.85 14.67
N CYS B 73 12.13 -26.94 14.11
CA CYS B 73 10.82 -27.27 13.55
C CYS B 73 10.51 -26.30 12.43
N LYS B 74 10.07 -26.79 11.26
CA LYS B 74 9.72 -25.89 10.16
C LYS B 74 8.35 -25.22 10.39
N PRO B 75 8.13 -23.98 9.92
CA PRO B 75 6.78 -23.37 10.10
C PRO B 75 5.59 -24.22 9.62
N GLN B 76 5.71 -24.94 8.49
CA GLN B 76 4.65 -25.82 7.98
C GLN B 76 4.36 -26.95 8.99
N GLU B 77 5.40 -27.48 9.62
CA GLU B 77 5.27 -28.56 10.60
C GLU B 77 4.67 -28.05 11.91
N LEU B 78 5.02 -26.81 12.34
CA LEU B 78 4.47 -26.25 13.58
C LEU B 78 2.96 -26.07 13.43
N LEU B 79 2.51 -25.55 12.28
CA LEU B 79 1.08 -25.36 12.05
C LEU B 79 0.34 -26.71 12.06
N SER B 80 0.92 -27.74 11.45
CA SER B 80 0.31 -29.08 11.44
C SER B 80 0.21 -29.67 12.83
N LEU B 81 1.25 -29.48 13.64
CA LEU B 81 1.27 -30.02 15.00
C LEU B 81 0.27 -29.33 15.92
N ILE B 82 0.09 -28.00 15.80
CA ILE B 82 -0.87 -27.29 16.67
C ILE B 82 -2.31 -27.60 16.25
N ILE B 83 -2.54 -27.86 14.96
CA ILE B 83 -3.86 -28.23 14.45
C ILE B 83 -4.17 -29.65 14.94
N GLU B 84 -3.19 -30.57 14.90
CA GLU B 84 -3.34 -31.96 15.40
C GLU B 84 -3.61 -31.96 16.91
N ARG B 85 -2.92 -31.06 17.64
CA ARG B 85 -3.08 -30.80 19.07
C ARG B 85 -4.52 -30.33 19.36
N PHE B 86 -5.09 -29.47 18.49
CA PHE B 86 -6.44 -28.91 18.62
C PHE B 86 -7.53 -29.96 18.43
N GLU B 87 -7.30 -30.93 17.53
CA GLU B 87 -8.29 -31.98 17.24
C GLU B 87 -8.23 -33.08 18.29
N ILE B 88 -8.78 -32.81 19.46
CA ILE B 88 -8.78 -33.74 20.58
C ILE B 88 -9.98 -34.66 20.45
N PRO B 89 -9.79 -36.00 20.40
CA PRO B 89 -10.97 -36.89 20.34
C PRO B 89 -11.75 -36.90 21.64
N GLU B 90 -13.07 -36.98 21.56
CA GLU B 90 -13.92 -37.05 22.74
C GLU B 90 -14.07 -38.51 23.14
N PRO B 91 -14.12 -38.83 24.45
CA PRO B 91 -14.30 -40.24 24.85
C PRO B 91 -15.72 -40.77 24.57
N GLU B 92 -15.82 -42.09 24.57
CA GLU B 92 -17.08 -42.80 24.32
C GLU B 92 -18.06 -42.61 25.48
N PRO B 93 -19.38 -42.71 25.25
CA PRO B 93 -20.32 -42.62 26.37
C PRO B 93 -20.17 -43.79 27.32
N THR B 94 -20.56 -43.59 28.57
CA THR B 94 -20.53 -44.66 29.57
C THR B 94 -21.59 -45.70 29.20
N GLU B 95 -21.64 -46.85 29.90
CA GLU B 95 -22.62 -47.88 29.61
C GLU B 95 -24.04 -47.35 29.83
N ALA B 96 -24.29 -46.67 30.96
CA ALA B 96 -25.62 -46.13 31.25
C ALA B 96 -26.05 -45.07 30.25
N ASP B 97 -25.09 -44.26 29.76
CA ASP B 97 -25.39 -43.23 28.75
C ASP B 97 -25.57 -43.81 27.37
N ARG B 98 -24.91 -44.94 27.06
CA ARG B 98 -25.10 -45.65 25.81
C ARG B 98 -26.55 -46.18 25.75
N ILE B 99 -27.08 -46.69 26.88
CA ILE B 99 -28.46 -47.19 26.94
C ILE B 99 -29.44 -46.02 26.84
N ALA B 100 -29.12 -44.90 27.50
CA ALA B 100 -29.95 -43.69 27.47
C ALA B 100 -30.07 -43.14 26.03
N ILE B 101 -28.94 -43.08 25.29
CA ILE B 101 -28.91 -42.61 23.90
C ILE B 101 -29.70 -43.57 22.98
N GLU B 102 -29.53 -44.89 23.15
CA GLU B 102 -30.26 -45.86 22.32
C GLU B 102 -31.76 -45.91 22.62
N ASN B 103 -32.19 -45.43 23.79
CA ASN B 103 -33.60 -45.32 24.11
C ASN B 103 -34.24 -43.98 23.63
N GLY B 104 -33.46 -43.15 22.91
CA GLY B 104 -33.91 -41.86 22.42
C GLY B 104 -33.84 -40.75 23.43
N ASP B 105 -33.25 -40.99 24.61
CA ASP B 105 -33.15 -40.00 25.68
C ASP B 105 -31.79 -39.29 25.70
N GLN B 106 -31.73 -38.15 26.40
CA GLN B 106 -30.51 -37.38 26.52
C GLN B 106 -29.59 -38.02 27.56
N PRO B 107 -28.30 -38.20 27.24
CA PRO B 107 -27.38 -38.77 28.24
C PRO B 107 -26.99 -37.75 29.33
N LEU B 108 -26.52 -38.25 30.46
CA LEU B 108 -26.03 -37.43 31.55
C LEU B 108 -24.69 -36.81 31.12
N SER B 109 -23.78 -37.64 30.55
CA SER B 109 -22.48 -37.22 30.00
C SER B 109 -21.63 -36.44 31.03
N ALA B 110 -21.63 -36.86 32.32
CA ALA B 110 -20.90 -36.11 33.35
C ALA B 110 -19.39 -35.99 33.06
N GLU B 111 -18.74 -37.10 32.69
CA GLU B 111 -17.30 -37.07 32.43
C GLU B 111 -16.95 -36.41 31.10
N LEU B 112 -17.80 -36.55 30.10
CA LEU B 112 -17.57 -35.93 28.80
C LEU B 112 -17.60 -34.39 28.93
N LYS B 113 -18.58 -33.87 29.69
CA LYS B 113 -18.70 -32.43 29.92
C LYS B 113 -17.51 -31.90 30.75
N ARG B 114 -17.02 -32.72 31.68
CA ARG B 114 -15.87 -32.36 32.51
C ARG B 114 -14.63 -32.29 31.63
N PHE B 115 -14.42 -33.31 30.79
CA PHE B 115 -13.29 -33.40 29.86
C PHE B 115 -13.30 -32.23 28.87
N ARG B 116 -14.49 -31.81 28.42
CA ARG B 116 -14.59 -30.68 27.52
C ARG B 116 -14.22 -29.39 28.25
N LYS B 117 -14.79 -29.17 29.43
CA LYS B 117 -14.57 -27.93 30.17
C LYS B 117 -13.16 -27.77 30.70
N GLU B 118 -12.59 -28.85 31.27
CA GLU B 118 -11.30 -28.83 31.93
C GLU B 118 -10.10 -29.20 31.04
N TYR B 119 -10.31 -29.79 29.84
CA TYR B 119 -9.19 -30.15 28.96
C TYR B 119 -9.35 -29.68 27.46
N ILE B 120 -10.44 -30.08 26.77
CA ILE B 120 -10.58 -29.72 25.34
C ILE B 120 -10.65 -28.19 25.16
N GLN B 121 -11.57 -27.53 25.88
CA GLN B 121 -11.73 -26.08 25.72
C GLN B 121 -10.41 -25.32 26.07
N PRO B 122 -9.74 -25.56 27.22
CA PRO B 122 -8.48 -24.85 27.49
C PRO B 122 -7.37 -25.12 26.46
N VAL B 123 -7.14 -26.38 26.05
CA VAL B 123 -6.10 -26.71 25.05
C VAL B 123 -6.40 -25.99 23.72
N GLN B 124 -7.66 -25.99 23.31
CA GLN B 124 -8.07 -25.36 22.05
C GLN B 124 -7.89 -23.83 22.08
N LEU B 125 -8.29 -23.18 23.18
CA LEU B 125 -8.08 -21.75 23.34
C LEU B 125 -6.56 -21.43 23.44
N ARG B 126 -5.75 -22.37 23.93
CA ARG B 126 -4.30 -22.23 24.02
C ARG B 126 -3.66 -22.38 22.63
N VAL B 127 -4.21 -23.25 21.76
CA VAL B 127 -3.75 -23.36 20.37
C VAL B 127 -4.10 -22.02 19.67
N LEU B 128 -5.31 -21.48 19.89
CA LEU B 128 -5.70 -20.21 19.28
C LEU B 128 -4.80 -19.05 19.75
N ASN B 129 -4.38 -19.06 21.03
CA ASN B 129 -3.44 -18.07 21.59
C ASN B 129 -2.07 -18.14 20.89
N VAL B 130 -1.60 -19.35 20.52
CA VAL B 130 -0.34 -19.54 19.81
C VAL B 130 -0.49 -18.93 18.41
N CYS B 131 -1.62 -19.19 17.73
CA CYS B 131 -1.90 -18.64 16.41
C CYS B 131 -1.90 -17.11 16.44
N ARG B 132 -2.45 -16.52 17.51
CA ARG B 132 -2.53 -15.07 17.68
C ARG B 132 -1.14 -14.46 17.91
N HIS B 133 -0.35 -15.05 18.80
CA HIS B 133 1.02 -14.58 19.07
C HIS B 133 1.90 -14.75 17.80
N TRP B 134 1.67 -15.82 17.02
CA TRP B 134 2.38 -16.16 15.78
C TRP B 134 2.17 -15.06 14.71
N VAL B 135 0.92 -14.69 14.43
CA VAL B 135 0.60 -13.65 13.44
C VAL B 135 0.94 -12.24 13.92
N GLU B 136 0.89 -12.01 15.23
CA GLU B 136 1.18 -10.70 15.80
C GLU B 136 2.68 -10.40 15.77
N HIS B 137 3.51 -11.33 16.26
CA HIS B 137 4.94 -11.07 16.40
C HIS B 137 5.82 -11.73 15.34
N HIS B 138 5.30 -12.67 14.54
CA HIS B 138 6.11 -13.35 13.53
C HIS B 138 5.38 -13.45 12.21
N PHE B 139 4.71 -12.37 11.78
CA PHE B 139 3.95 -12.40 10.53
C PHE B 139 4.83 -12.64 9.29
N TYR B 140 6.16 -12.40 9.38
CA TYR B 140 7.08 -12.68 8.28
C TYR B 140 7.04 -14.17 7.83
N ASP B 141 6.72 -15.13 8.72
CA ASP B 141 6.59 -16.55 8.32
C ASP B 141 5.50 -16.71 7.27
N PHE B 142 4.42 -15.94 7.40
CA PHE B 142 3.26 -15.94 6.50
C PHE B 142 3.51 -15.13 5.22
N GLU B 143 4.39 -14.12 5.28
CA GLU B 143 4.77 -13.31 4.12
C GLU B 143 5.71 -14.14 3.20
N ARG B 144 6.65 -14.86 3.81
CA ARG B 144 7.60 -15.74 3.10
C ARG B 144 6.93 -17.02 2.57
N ASP B 145 5.75 -17.40 3.10
CA ASP B 145 5.04 -18.61 2.67
C ASP B 145 3.54 -18.32 2.66
N ALA B 146 3.02 -17.94 1.49
CA ALA B 146 1.59 -17.63 1.35
C ALA B 146 0.70 -18.87 1.55
N TYR B 147 1.24 -20.07 1.24
CA TYR B 147 0.54 -21.34 1.46
C TYR B 147 0.33 -21.58 2.96
N LEU B 148 1.30 -21.20 3.79
CA LEU B 148 1.21 -21.32 5.27
C LEU B 148 0.07 -20.42 5.77
N LEU B 149 -0.06 -19.20 5.21
CA LEU B 149 -1.13 -18.26 5.58
C LEU B 149 -2.47 -18.78 5.13
N GLN B 150 -2.54 -19.37 3.92
CA GLN B 150 -3.76 -19.99 3.38
C GLN B 150 -4.22 -21.12 4.31
N ARG B 151 -3.28 -21.93 4.80
CA ARG B 151 -3.60 -23.00 5.75
C ARG B 151 -4.09 -22.43 7.08
N MET B 152 -3.46 -21.34 7.56
CA MET B 152 -3.82 -20.72 8.84
C MET B 152 -5.23 -20.14 8.78
N GLU B 153 -5.53 -19.43 7.69
CA GLU B 153 -6.83 -18.81 7.51
C GLU B 153 -7.93 -19.86 7.34
N GLU B 154 -7.65 -20.99 6.66
CA GLU B 154 -8.62 -22.08 6.51
C GLU B 154 -8.90 -22.67 7.89
N PHE B 155 -7.83 -22.89 8.68
CA PHE B 155 -7.95 -23.44 10.02
C PHE B 155 -8.82 -22.56 10.93
N ILE B 156 -8.39 -21.31 11.20
CA ILE B 156 -9.14 -20.42 12.08
C ILE B 156 -10.56 -20.13 11.54
N GLY B 157 -10.70 -20.05 10.21
CA GLY B 157 -11.99 -19.81 9.58
C GLY B 157 -13.02 -20.91 9.75
N THR B 158 -12.57 -22.17 9.94
CA THR B 158 -13.47 -23.33 10.16
C THR B 158 -13.63 -23.70 11.64
N VAL B 159 -13.10 -22.90 12.58
CA VAL B 159 -13.25 -23.15 14.02
C VAL B 159 -14.70 -22.78 14.38
N ARG B 160 -15.40 -23.65 15.14
CA ARG B 160 -16.80 -23.43 15.55
C ARG B 160 -16.94 -23.49 17.09
N GLY B 161 -17.32 -22.37 17.70
CA GLY B 161 -17.48 -22.31 19.17
C GLY B 161 -17.92 -20.97 19.69
N LYS B 162 -18.39 -20.95 20.96
CA LYS B 162 -18.88 -19.75 21.65
C LYS B 162 -17.70 -18.87 22.11
N ALA B 163 -16.79 -19.43 22.93
CA ALA B 163 -15.60 -18.71 23.40
C ALA B 163 -14.56 -18.52 22.28
N MET B 164 -14.52 -19.46 21.32
CA MET B 164 -13.58 -19.38 20.21
C MET B 164 -13.98 -18.34 19.13
N LYS B 165 -15.21 -17.82 19.18
CA LYS B 165 -15.68 -16.80 18.23
C LYS B 165 -14.80 -15.53 18.32
N LYS B 166 -14.62 -15.00 19.55
CA LYS B 166 -13.85 -13.79 19.79
C LYS B 166 -12.37 -13.97 19.46
N TRP B 167 -11.82 -15.17 19.71
CA TRP B 167 -10.42 -15.48 19.40
C TRP B 167 -10.18 -15.47 17.89
N VAL B 168 -11.09 -16.07 17.13
CA VAL B 168 -10.99 -16.11 15.67
C VAL B 168 -11.11 -14.68 15.09
N GLU B 169 -11.89 -13.79 15.72
CA GLU B 169 -12.03 -12.41 15.25
C GLU B 169 -10.74 -11.62 15.54
N SER B 170 -10.11 -11.83 16.72
CA SER B 170 -8.87 -11.13 17.08
C SER B 170 -7.73 -11.54 16.16
N ILE B 171 -7.65 -12.82 15.80
CA ILE B 171 -6.58 -13.33 14.93
C ILE B 171 -6.77 -12.76 13.54
N THR B 172 -8.02 -12.79 13.03
CA THR B 172 -8.33 -12.25 11.70
C THR B 172 -7.99 -10.74 11.65
N LYS B 173 -8.41 -9.99 12.70
CA LYS B 173 -8.10 -8.55 12.84
C LYS B 173 -6.59 -8.27 12.68
N ILE B 174 -5.74 -9.09 13.29
CA ILE B 174 -4.29 -8.93 13.22
C ILE B 174 -3.77 -9.24 11.81
N ILE B 175 -4.21 -10.38 11.22
CA ILE B 175 -3.76 -10.78 9.88
C ILE B 175 -4.05 -9.67 8.84
N GLN B 176 -5.26 -9.10 8.86
CA GLN B 176 -5.62 -8.05 7.93
C GLN B 176 -4.81 -6.76 8.20
N ARG B 177 -4.55 -6.43 9.49
CA ARG B 177 -3.75 -5.26 9.82
C ARG B 177 -2.32 -5.42 9.28
N LYS B 178 -1.74 -6.61 9.46
CA LYS B 178 -0.38 -6.89 8.98
C LYS B 178 -0.32 -6.79 7.44
N LYS B 179 -1.32 -7.35 6.75
CA LYS B 179 -1.41 -7.32 5.30
C LYS B 179 -1.44 -5.87 4.77
N ILE B 180 -2.21 -5.00 5.42
CA ILE B 180 -2.34 -3.58 5.01
C ILE B 180 -1.06 -2.82 5.36
N ALA B 181 -0.44 -3.12 6.52
CA ALA B 181 0.80 -2.47 6.92
C ALA B 181 1.91 -2.67 5.90
N ARG B 182 1.90 -3.81 5.17
CA ARG B 182 2.91 -4.09 4.12
C ARG B 182 2.80 -3.00 3.03
N ASP B 183 1.58 -2.66 2.61
CA ASP B 183 1.34 -1.62 1.63
C ASP B 183 1.42 -0.25 2.40
N ASN B 184 0.26 0.34 2.83
CA ASN B 184 0.23 1.60 3.59
C ASN B 184 -1.12 1.76 4.30
N THR B 191 6.10 13.11 14.91
CA THR B 191 6.65 12.06 15.78
C THR B 191 7.52 12.68 16.89
N PHE B 192 8.49 13.54 16.54
CA PHE B 192 9.39 14.12 17.54
C PHE B 192 8.79 15.33 18.26
N GLN B 193 9.09 15.45 19.57
CA GLN B 193 8.61 16.54 20.43
C GLN B 193 9.37 17.83 20.15
N SER B 194 10.69 17.72 19.93
CA SER B 194 11.56 18.86 19.68
C SER B 194 11.80 19.07 18.18
N SER B 195 12.26 20.26 17.82
CA SER B 195 12.63 20.59 16.44
C SER B 195 14.00 19.92 16.14
N PRO B 196 14.21 19.26 14.97
CA PRO B 196 15.55 18.68 14.70
C PRO B 196 16.59 19.78 14.38
N PRO B 197 17.90 19.55 14.58
CA PRO B 197 18.89 20.62 14.27
C PRO B 197 19.01 20.94 12.77
N THR B 198 19.73 22.01 12.43
CA THR B 198 19.94 22.41 11.05
C THR B 198 20.90 21.43 10.37
N VAL B 199 20.54 20.95 9.17
CA VAL B 199 21.38 20.04 8.39
C VAL B 199 22.66 20.78 8.01
N GLU B 200 23.81 20.30 8.53
CA GLU B 200 25.14 20.88 8.33
C GLU B 200 25.72 20.61 6.95
N TRP B 201 26.33 21.64 6.35
CA TRP B 201 27.03 21.58 5.06
C TRP B 201 28.43 22.16 5.22
N HIS B 202 29.39 21.65 4.44
CA HIS B 202 30.78 22.07 4.51
C HIS B 202 31.25 22.57 3.11
N ILE B 203 31.86 21.73 2.25
CA ILE B 203 32.31 22.14 0.91
C ILE B 203 31.22 21.76 -0.11
N SER B 204 30.75 20.49 -0.04
CA SER B 204 29.67 19.99 -0.91
C SER B 204 28.41 20.80 -0.67
N ARG B 205 27.74 21.25 -1.74
CA ARG B 205 26.50 22.02 -1.62
C ARG B 205 25.30 21.08 -1.72
N PRO B 206 24.13 21.43 -1.14
CA PRO B 206 22.95 20.55 -1.30
C PRO B 206 22.59 20.34 -2.78
N GLY B 207 22.45 19.07 -3.19
CA GLY B 207 22.13 18.71 -4.56
C GLY B 207 23.32 18.32 -5.42
N HIS B 208 24.54 18.81 -5.10
CA HIS B 208 25.75 18.50 -5.85
C HIS B 208 26.28 17.12 -5.42
N ILE B 209 25.46 16.05 -5.62
CA ILE B 209 25.80 14.68 -5.23
C ILE B 209 27.11 14.19 -5.84
N GLU B 210 27.52 14.74 -6.98
CA GLU B 210 28.77 14.39 -7.65
C GLU B 210 29.99 14.74 -6.80
N THR B 211 29.90 15.77 -5.95
CA THR B 211 31.01 16.19 -5.08
C THR B 211 30.97 15.57 -3.67
N PHE B 212 29.94 14.78 -3.33
CA PHE B 212 29.85 14.17 -2.00
C PHE B 212 31.02 13.20 -1.78
N ASP B 213 31.73 13.39 -0.66
CA ASP B 213 32.87 12.56 -0.27
C ASP B 213 33.20 12.76 1.22
N LEU B 214 34.12 11.95 1.77
CA LEU B 214 34.47 11.98 3.19
C LEU B 214 34.87 13.38 3.68
N LEU B 215 35.68 14.11 2.90
CA LEU B 215 36.16 15.43 3.32
C LEU B 215 35.30 16.58 2.84
N THR B 216 34.47 16.38 1.80
CA THR B 216 33.65 17.47 1.26
C THR B 216 32.33 17.63 2.03
N LEU B 217 31.80 16.53 2.60
CA LEU B 217 30.60 16.59 3.43
C LEU B 217 31.00 17.06 4.84
N HIS B 218 30.07 17.65 5.59
CA HIS B 218 30.36 18.12 6.95
C HIS B 218 30.51 16.89 7.89
N PRO B 219 31.57 16.76 8.72
CA PRO B 219 31.70 15.57 9.58
C PRO B 219 30.53 15.36 10.54
N ILE B 220 29.83 16.44 10.93
CA ILE B 220 28.67 16.31 11.82
C ILE B 220 27.56 15.61 11.05
N GLU B 221 27.32 16.03 9.79
CA GLU B 221 26.23 15.48 8.99
C GLU B 221 26.49 14.04 8.53
N ILE B 222 27.77 13.66 8.35
CA ILE B 222 28.13 12.27 8.00
C ILE B 222 27.71 11.36 9.17
N ALA B 223 28.12 11.72 10.40
CA ALA B 223 27.77 10.94 11.59
C ALA B 223 26.26 10.93 11.85
N ARG B 224 25.57 12.04 11.64
CA ARG B 224 24.12 12.11 11.84
C ARG B 224 23.36 11.19 10.89
N GLN B 225 23.70 11.25 9.60
CA GLN B 225 23.03 10.44 8.59
C GLN B 225 23.36 8.96 8.72
N LEU B 226 24.61 8.65 9.06
CA LEU B 226 25.02 7.28 9.30
C LEU B 226 24.30 6.73 10.53
N THR B 227 24.12 7.54 11.58
CA THR B 227 23.39 7.13 12.79
C THR B 227 21.91 6.86 12.45
N LEU B 228 21.32 7.68 11.58
CA LEU B 228 19.94 7.49 11.15
C LEU B 228 19.82 6.17 10.35
N LEU B 229 20.76 5.95 9.42
CA LEU B 229 20.79 4.74 8.58
C LEU B 229 20.97 3.47 9.44
N GLU B 230 21.94 3.50 10.37
CA GLU B 230 22.21 2.38 11.25
C GLU B 230 21.11 2.17 12.29
N SER B 231 20.40 3.24 12.69
CA SER B 231 19.28 3.10 13.62
C SER B 231 18.18 2.30 12.92
N ASP B 232 17.84 2.69 11.67
CA ASP B 232 16.85 1.98 10.86
C ASP B 232 17.24 0.53 10.62
N LEU B 233 18.53 0.27 10.34
CA LEU B 233 18.99 -1.09 10.11
C LEU B 233 18.87 -1.91 11.39
N TYR B 234 19.21 -1.29 12.55
CA TYR B 234 19.17 -1.94 13.87
C TYR B 234 17.73 -2.29 14.27
N ARG B 235 16.81 -1.34 14.08
CA ARG B 235 15.40 -1.49 14.47
C ARG B 235 14.65 -2.49 13.61
N ALA B 236 15.12 -2.78 12.38
CA ALA B 236 14.48 -3.74 11.47
C ALA B 236 14.75 -5.20 11.78
N VAL B 237 15.87 -5.51 12.42
CA VAL B 237 16.26 -6.90 12.67
C VAL B 237 15.31 -7.59 13.67
N GLN B 238 14.80 -8.78 13.30
CA GLN B 238 13.91 -9.53 14.19
C GLN B 238 14.71 -10.64 14.90
N PRO B 239 14.37 -10.97 16.17
CA PRO B 239 15.14 -12.01 16.88
C PRO B 239 15.37 -13.35 16.14
N SER B 240 14.37 -13.83 15.37
CA SER B 240 14.52 -15.13 14.67
C SER B 240 15.62 -15.13 13.61
N GLU B 241 15.94 -13.97 13.05
CA GLU B 241 17.03 -13.87 12.07
C GLU B 241 18.42 -14.27 12.68
N LEU B 242 18.51 -14.26 14.03
CA LEU B 242 19.72 -14.57 14.79
C LEU B 242 19.73 -15.96 15.40
N VAL B 243 18.57 -16.64 15.48
CA VAL B 243 18.51 -17.95 16.10
C VAL B 243 19.03 -19.02 15.14
N GLY B 244 19.64 -20.06 15.70
CA GLY B 244 20.20 -21.18 14.94
C GLY B 244 21.31 -20.77 13.99
N SER B 245 21.87 -19.54 14.14
CA SER B 245 22.91 -18.99 13.27
C SER B 245 22.49 -19.01 11.79
N VAL B 246 21.17 -18.88 11.51
CA VAL B 246 20.62 -18.93 10.15
C VAL B 246 21.21 -17.89 9.19
N TRP B 247 21.83 -16.81 9.68
CA TRP B 247 22.47 -15.82 8.80
C TRP B 247 23.78 -16.35 8.15
N THR B 248 24.31 -17.48 8.66
CA THR B 248 25.51 -18.13 8.14
C THR B 248 25.19 -19.38 7.28
N LYS B 249 23.90 -19.80 7.19
CA LYS B 249 23.51 -21.02 6.46
C LYS B 249 22.91 -20.72 5.08
N GLU B 250 22.62 -21.78 4.29
CA GLU B 250 22.16 -21.71 2.90
C GLU B 250 21.06 -20.66 2.61
N ASP B 251 19.94 -20.73 3.35
CA ASP B 251 18.80 -19.85 3.10
C ASP B 251 18.91 -18.48 3.80
N LYS B 252 20.14 -18.07 4.20
CA LYS B 252 20.39 -16.81 4.92
C LYS B 252 19.70 -15.59 4.37
N GLU B 253 19.56 -15.49 3.04
CA GLU B 253 18.94 -14.32 2.42
C GLU B 253 17.45 -14.18 2.77
N ILE B 254 16.73 -15.29 2.83
CA ILE B 254 15.30 -15.25 3.17
C ILE B 254 15.10 -15.25 4.69
N ASN B 255 15.94 -15.97 5.43
CA ASN B 255 15.82 -16.08 6.89
C ASN B 255 16.32 -14.85 7.65
N SER B 256 17.41 -14.22 7.17
CA SER B 256 18.06 -13.09 7.81
C SER B 256 18.31 -11.90 6.85
N PRO B 257 17.26 -11.35 6.20
CA PRO B 257 17.49 -10.23 5.26
C PRO B 257 17.89 -8.91 5.91
N ASN B 258 17.35 -8.61 7.09
CA ASN B 258 17.64 -7.35 7.78
C ASN B 258 19.01 -7.40 8.47
N LEU B 259 19.35 -8.57 9.05
CA LEU B 259 20.64 -8.74 9.69
C LEU B 259 21.78 -8.71 8.67
N LEU B 260 21.61 -9.39 7.54
CA LEU B 260 22.61 -9.38 6.47
C LEU B 260 22.82 -7.98 5.91
N LYS B 261 21.76 -7.16 5.87
CA LYS B 261 21.83 -5.76 5.42
C LYS B 261 22.70 -4.95 6.40
N MET B 262 22.51 -5.18 7.71
CA MET B 262 23.26 -4.55 8.81
C MET B 262 24.75 -4.95 8.71
N ILE B 263 25.04 -6.24 8.53
CA ILE B 263 26.43 -6.71 8.40
C ILE B 263 27.10 -6.13 7.15
N ARG B 264 26.37 -6.07 6.01
CA ARG B 264 26.95 -5.55 4.77
C ARG B 264 27.19 -4.04 4.85
N HIS B 265 26.34 -3.30 5.59
CA HIS B 265 26.57 -1.87 5.79
C HIS B 265 27.86 -1.67 6.60
N THR B 266 27.97 -2.37 7.74
CA THR B 266 29.13 -2.28 8.62
C THR B 266 30.43 -2.63 7.88
N THR B 267 30.40 -3.67 7.04
CA THR B 267 31.57 -4.08 6.24
C THR B 267 31.91 -2.99 5.21
N ASN B 268 30.91 -2.48 4.50
CA ASN B 268 31.11 -1.44 3.48
C ASN B 268 31.61 -0.12 4.07
N LEU B 269 31.09 0.29 5.22
CA LEU B 269 31.50 1.54 5.86
C LEU B 269 32.94 1.45 6.39
N THR B 270 33.24 0.36 7.11
CA THR B 270 34.57 0.11 7.67
C THR B 270 35.63 0.03 6.55
N LEU B 271 35.36 -0.76 5.50
CA LEU B 271 36.30 -0.90 4.38
C LEU B 271 36.40 0.38 3.56
N TRP B 272 35.34 1.20 3.52
CA TRP B 272 35.35 2.50 2.85
C TRP B 272 36.25 3.47 3.62
N PHE B 273 36.19 3.45 4.96
CA PHE B 273 37.06 4.32 5.77
C PHE B 273 38.53 3.91 5.55
N GLU B 274 38.80 2.60 5.50
CA GLU B 274 40.15 2.08 5.24
C GLU B 274 40.61 2.52 3.85
N LYS B 275 39.73 2.41 2.86
CA LYS B 275 40.01 2.79 1.47
C LYS B 275 40.39 4.27 1.39
N CYS B 276 39.59 5.15 2.03
CA CYS B 276 39.84 6.59 2.05
C CYS B 276 41.23 6.90 2.59
N ILE B 277 41.60 6.22 3.68
CA ILE B 277 42.88 6.41 4.34
C ILE B 277 44.05 5.95 3.43
N VAL B 278 44.13 4.65 3.11
CA VAL B 278 45.27 4.09 2.34
C VAL B 278 45.37 4.63 0.90
N GLU B 279 44.24 4.97 0.24
CA GLU B 279 44.30 5.54 -1.11
C GLU B 279 44.63 7.04 -1.11
N THR B 280 44.80 7.68 0.06
CA THR B 280 45.25 9.06 0.19
C THR B 280 46.74 8.93 0.49
N GLU B 281 47.55 8.93 -0.58
CA GLU B 281 48.98 8.63 -0.51
C GLU B 281 49.82 9.79 0.08
N ASN B 282 49.39 11.06 -0.08
CA ASN B 282 50.12 12.18 0.51
C ASN B 282 49.92 12.11 2.04
N LEU B 283 51.01 12.16 2.80
CA LEU B 283 50.97 12.04 4.26
C LEU B 283 50.09 13.12 4.93
N GLU B 284 50.33 14.40 4.62
CA GLU B 284 49.58 15.54 5.17
C GLU B 284 48.08 15.38 4.92
N GLU B 285 47.73 14.91 3.72
CA GLU B 285 46.35 14.66 3.33
C GLU B 285 45.76 13.47 4.06
N ARG B 286 46.55 12.41 4.26
CA ARG B 286 46.08 11.20 4.95
C ARG B 286 45.83 11.49 6.42
N VAL B 287 46.65 12.37 7.03
CA VAL B 287 46.49 12.82 8.40
C VAL B 287 45.13 13.55 8.51
N ALA B 288 44.82 14.41 7.52
CA ALA B 288 43.55 15.13 7.48
C ALA B 288 42.35 14.15 7.40
N VAL B 289 42.48 13.09 6.56
CA VAL B 289 41.48 12.02 6.37
C VAL B 289 41.25 11.24 7.69
N VAL B 290 42.32 10.76 8.34
CA VAL B 290 42.21 10.05 9.61
C VAL B 290 41.62 10.97 10.68
N SER B 291 42.05 12.23 10.71
CA SER B 291 41.56 13.19 11.68
C SER B 291 40.06 13.47 11.49
N ARG B 292 39.57 13.43 10.24
CA ARG B 292 38.16 13.65 9.96
C ARG B 292 37.33 12.46 10.42
N ILE B 293 37.85 11.24 10.28
CA ILE B 293 37.14 10.06 10.73
C ILE B 293 37.06 10.03 12.26
N ILE B 294 38.11 10.51 12.97
CA ILE B 294 38.06 10.59 14.43
C ILE B 294 36.97 11.59 14.86
N GLU B 295 36.79 12.70 14.12
CA GLU B 295 35.73 13.66 14.44
C GLU B 295 34.35 13.07 14.20
N ILE B 296 34.20 12.22 13.16
CA ILE B 296 32.95 11.50 12.87
C ILE B 296 32.62 10.60 14.08
N LEU B 297 33.64 9.92 14.64
CA LEU B 297 33.50 9.09 15.83
C LEU B 297 33.11 9.95 17.03
N GLN B 298 33.69 11.17 17.17
CA GLN B 298 33.37 12.06 18.27
C GLN B 298 31.88 12.42 18.27
N VAL B 299 31.27 12.58 17.07
CA VAL B 299 29.84 12.91 16.92
C VAL B 299 28.97 11.64 17.10
N PHE B 300 29.49 10.46 16.71
CA PHE B 300 28.82 9.19 16.98
C PHE B 300 28.72 9.02 18.52
N GLN B 301 29.78 9.35 19.25
CA GLN B 301 29.78 9.35 20.72
C GLN B 301 28.70 10.32 21.30
N GLU B 302 28.62 11.57 20.78
CA GLU B 302 27.62 12.56 21.21
C GLU B 302 26.20 12.00 21.01
N LEU B 303 25.98 11.29 19.89
CA LEU B 303 24.70 10.67 19.54
C LEU B 303 24.47 9.30 20.18
N ASN B 304 25.45 8.75 20.90
CA ASN B 304 25.34 7.41 21.51
C ASN B 304 25.20 6.31 20.47
N ASN B 305 25.85 6.49 19.32
CA ASN B 305 25.88 5.48 18.29
C ASN B 305 27.16 4.67 18.55
N PHE B 306 27.06 3.66 19.39
CA PHE B 306 28.21 2.80 19.70
C PHE B 306 28.52 1.88 18.52
N ASN B 307 27.55 1.63 17.62
CA ASN B 307 27.80 0.85 16.42
C ASN B 307 28.83 1.57 15.53
N GLY B 308 28.62 2.87 15.31
CA GLY B 308 29.48 3.68 14.49
C GLY B 308 30.84 3.95 15.11
N VAL B 309 30.88 4.18 16.43
CA VAL B 309 32.14 4.37 17.17
C VAL B 309 33.04 3.11 16.95
N LEU B 310 32.45 1.94 17.13
CA LEU B 310 33.17 0.68 16.99
C LEU B 310 33.46 0.32 15.50
N GLU B 311 32.71 0.86 14.54
CA GLU B 311 33.05 0.73 13.12
C GLU B 311 34.34 1.52 12.80
N VAL B 312 34.49 2.72 13.41
CA VAL B 312 35.69 3.55 13.26
C VAL B 312 36.87 2.85 13.96
N VAL B 313 36.64 2.26 15.17
CA VAL B 313 37.67 1.52 15.92
C VAL B 313 38.15 0.33 15.09
N SER B 314 37.24 -0.35 14.38
CA SER B 314 37.58 -1.51 13.53
C SER B 314 38.42 -1.06 12.36
N ALA B 315 38.06 0.07 11.73
CA ALA B 315 38.83 0.62 10.60
C ALA B 315 40.25 1.04 11.02
N MET B 316 40.40 1.69 12.19
CA MET B 316 41.70 2.16 12.67
C MET B 316 42.57 1.01 13.19
N ASN B 317 41.96 -0.05 13.73
CA ASN B 317 42.71 -1.23 14.18
C ASN B 317 43.03 -2.20 13.06
N SER B 318 42.42 -2.05 11.87
CA SER B 318 42.67 -2.93 10.74
C SER B 318 44.16 -3.01 10.38
N SER B 319 44.58 -4.14 9.79
CA SER B 319 45.98 -4.35 9.41
C SER B 319 46.57 -3.20 8.52
N PRO B 320 45.85 -2.67 7.50
CA PRO B 320 46.42 -1.59 6.69
C PRO B 320 46.54 -0.23 7.39
N VAL B 321 45.59 0.12 8.27
CA VAL B 321 45.59 1.42 8.94
C VAL B 321 46.41 1.45 10.24
N TYR B 322 46.24 0.47 11.14
CA TYR B 322 46.94 0.46 12.44
C TYR B 322 48.47 0.68 12.31
N ARG B 323 49.05 0.08 11.26
CA ARG B 323 50.48 0.18 10.99
C ARG B 323 50.99 1.55 10.47
N LEU B 324 50.11 2.52 10.22
CA LEU B 324 50.50 3.82 9.70
C LEU B 324 51.03 4.78 10.77
N ASP B 325 52.20 4.44 11.31
CA ASP B 325 52.85 5.18 12.39
C ASP B 325 53.15 6.64 12.07
N HIS B 326 53.47 6.93 10.79
CA HIS B 326 53.77 8.29 10.37
C HIS B 326 52.53 9.17 10.36
N THR B 327 51.35 8.56 10.08
CA THR B 327 50.07 9.26 10.03
C THR B 327 49.61 9.58 11.46
N PHE B 328 49.54 8.56 12.34
CA PHE B 328 49.11 8.76 13.72
C PHE B 328 50.07 9.64 14.52
N GLU B 329 51.35 9.74 14.09
CA GLU B 329 52.34 10.63 14.73
C GLU B 329 51.88 12.10 14.70
N GLN B 330 51.34 12.54 13.56
CA GLN B 330 50.87 13.92 13.39
C GLN B 330 49.44 14.16 13.90
N ILE B 331 48.71 13.10 14.33
CA ILE B 331 47.36 13.25 14.86
C ILE B 331 47.41 13.94 16.25
N PRO B 332 46.67 15.05 16.50
CA PRO B 332 46.76 15.69 17.83
C PRO B 332 46.48 14.75 19.01
N SER B 333 47.28 14.90 20.07
CA SER B 333 47.22 14.11 21.31
C SER B 333 45.79 13.86 21.85
N ARG B 334 44.89 14.85 21.73
CA ARG B 334 43.51 14.74 22.19
C ARG B 334 42.71 13.73 21.35
N GLN B 335 42.89 13.76 20.03
CA GLN B 335 42.20 12.80 19.14
C GLN B 335 42.77 11.40 19.32
N LYS B 336 44.07 11.29 19.60
CA LYS B 336 44.74 10.03 19.89
C LYS B 336 44.13 9.40 21.16
N LYS B 337 43.89 10.21 22.19
CA LYS B 337 43.28 9.77 23.45
C LYS B 337 41.82 9.33 23.24
N ILE B 338 41.04 10.10 22.47
CA ILE B 338 39.65 9.74 22.18
C ILE B 338 39.59 8.37 21.46
N LEU B 339 40.47 8.16 20.49
CA LEU B 339 40.50 6.93 19.70
C LEU B 339 41.00 5.73 20.53
N GLU B 340 41.91 5.98 21.48
CA GLU B 340 42.40 4.95 22.37
C GLU B 340 41.32 4.55 23.39
N GLU B 341 40.63 5.54 23.99
CA GLU B 341 39.53 5.24 24.92
C GLU B 341 38.39 4.51 24.23
N ALA B 342 38.15 4.81 22.94
CA ALA B 342 37.11 4.13 22.17
C ALA B 342 37.47 2.64 21.99
N HIS B 343 38.77 2.34 21.79
CA HIS B 343 39.26 0.95 21.67
C HIS B 343 39.03 0.22 22.98
N GLU B 344 39.36 0.87 24.09
CA GLU B 344 39.19 0.31 25.43
C GLU B 344 37.74 -0.12 25.72
N LEU B 345 36.76 0.37 24.94
CA LEU B 345 35.36 -0.08 25.04
C LEU B 345 35.27 -1.60 24.79
N SER B 346 36.11 -2.11 23.85
CA SER B 346 36.15 -3.52 23.46
C SER B 346 36.97 -4.44 24.38
N GLU B 347 37.94 -3.89 25.11
CA GLU B 347 38.78 -4.67 26.00
C GLU B 347 38.02 -5.34 27.13
N ASP B 348 38.58 -6.46 27.64
CA ASP B 348 38.00 -7.26 28.73
C ASP B 348 36.56 -7.69 28.39
N HIS B 349 36.38 -8.27 27.19
CA HIS B 349 35.10 -8.76 26.72
C HIS B 349 34.03 -7.68 26.70
N TYR B 350 34.41 -6.47 26.26
CA TYR B 350 33.53 -5.31 26.15
C TYR B 350 32.97 -4.85 27.50
N LYS B 351 33.83 -4.84 28.53
CA LYS B 351 33.44 -4.43 29.89
C LYS B 351 33.00 -2.95 29.94
N LYS B 352 33.85 -2.04 29.44
CA LYS B 352 33.55 -0.59 29.44
C LYS B 352 32.40 -0.25 28.50
N TYR B 353 32.25 -0.99 27.40
CA TYR B 353 31.12 -0.76 26.48
C TYR B 353 29.79 -1.07 27.20
N LEU B 354 29.70 -2.24 27.85
CA LEU B 354 28.47 -2.64 28.52
C LEU B 354 28.11 -1.67 29.66
N ALA B 355 29.11 -1.18 30.40
CA ALA B 355 28.90 -0.18 31.44
C ALA B 355 28.35 1.12 30.84
N LYS B 356 28.90 1.58 29.70
CA LYS B 356 28.46 2.80 29.01
C LYS B 356 27.05 2.68 28.42
N LEU B 357 26.70 1.51 27.86
CA LEU B 357 25.40 1.29 27.26
C LEU B 357 24.28 1.38 28.30
N ARG B 358 24.47 0.73 29.44
CA ARG B 358 23.49 0.72 30.53
C ARG B 358 23.33 2.12 31.17
N SER B 359 24.45 2.82 31.41
CA SER B 359 24.44 4.14 32.05
C SER B 359 24.02 5.33 31.16
N ILE B 360 23.68 5.07 29.89
CA ILE B 360 23.36 6.14 28.93
C ILE B 360 21.85 6.42 28.87
N ASN B 361 21.50 7.62 28.37
CA ASN B 361 20.12 8.06 28.19
C ASN B 361 19.76 7.89 26.71
N PRO B 362 18.55 7.40 26.38
CA PRO B 362 18.20 7.21 24.97
C PRO B 362 18.06 8.53 24.18
N PRO B 363 18.13 8.47 22.84
CA PRO B 363 18.27 7.28 21.99
C PRO B 363 19.73 6.86 21.77
N CYS B 364 19.91 5.62 21.32
CA CYS B 364 21.24 5.04 21.03
C CYS B 364 21.15 3.99 19.92
N VAL B 365 22.30 3.71 19.27
CA VAL B 365 22.44 2.67 18.27
C VAL B 365 23.49 1.72 18.85
N PRO B 366 23.07 0.69 19.59
CA PRO B 366 24.06 -0.22 20.19
C PRO B 366 24.96 -0.91 19.16
N PHE B 367 26.09 -1.43 19.65
CA PHE B 367 27.03 -2.15 18.81
C PHE B 367 26.45 -3.55 18.55
N PHE B 368 26.18 -3.87 17.27
CA PHE B 368 25.53 -5.13 16.89
C PHE B 368 26.44 -6.35 16.89
N GLY B 369 27.72 -6.15 16.59
CA GLY B 369 28.68 -7.25 16.54
C GLY B 369 28.80 -8.08 17.80
N ILE B 370 28.68 -7.47 18.99
CA ILE B 370 28.81 -8.18 20.26
C ILE B 370 27.71 -9.23 20.40
N TYR B 371 26.48 -8.87 19.99
CA TYR B 371 25.32 -9.77 20.03
C TYR B 371 25.54 -10.97 19.13
N LEU B 372 26.06 -10.73 17.91
CA LEU B 372 26.32 -11.82 16.97
C LEU B 372 27.40 -12.76 17.52
N THR B 373 28.47 -12.18 18.07
CA THR B 373 29.56 -12.94 18.67
C THR B 373 29.05 -13.82 19.83
N ASN B 374 28.23 -13.25 20.74
CA ASN B 374 27.70 -13.98 21.90
C ASN B 374 26.70 -15.06 21.50
N ILE B 375 25.91 -14.82 20.44
CA ILE B 375 24.96 -15.81 19.96
C ILE B 375 25.73 -16.97 19.32
N LEU B 376 26.78 -16.67 18.53
CA LEU B 376 27.60 -17.73 17.93
C LEU B 376 28.28 -18.57 19.01
N LYS B 377 28.72 -17.92 20.11
CA LYS B 377 29.31 -18.62 21.27
C LYS B 377 28.29 -19.57 21.90
N THR B 378 27.06 -19.11 22.09
CA THR B 378 25.97 -19.91 22.64
C THR B 378 25.58 -21.07 21.68
N GLU B 379 25.45 -20.79 20.38
CA GLU B 379 25.11 -21.80 19.39
C GLU B 379 26.17 -22.90 19.31
N GLU B 380 27.45 -22.54 19.26
CA GLU B 380 28.54 -23.52 19.13
C GLU B 380 28.89 -24.23 20.45
N GLY B 381 28.63 -23.57 21.57
CA GLY B 381 28.98 -24.08 22.88
C GLY B 381 27.91 -24.87 23.60
N ASN B 382 26.76 -25.10 22.96
CA ASN B 382 25.66 -25.85 23.55
C ASN B 382 25.16 -26.86 22.53
N PRO B 383 24.87 -28.11 22.94
CA PRO B 383 24.44 -29.12 21.97
C PRO B 383 22.99 -28.92 21.52
N GLU B 384 22.72 -29.25 20.25
CA GLU B 384 21.39 -29.13 19.68
C GLU B 384 20.35 -29.98 20.41
N VAL B 385 20.79 -31.17 20.90
CA VAL B 385 19.94 -32.11 21.64
C VAL B 385 20.63 -32.59 22.91
N LEU B 386 19.82 -33.09 23.86
CA LEU B 386 20.25 -33.72 25.11
C LEU B 386 19.82 -35.19 25.04
N LYS B 387 20.69 -36.13 25.46
CA LYS B 387 20.38 -37.57 25.42
C LYS B 387 19.99 -38.09 26.80
N ARG B 388 18.88 -38.83 26.88
CA ARG B 388 18.40 -39.41 28.13
C ARG B 388 17.77 -40.76 27.83
N HIS B 389 18.39 -41.86 28.30
CA HIS B 389 17.90 -43.23 28.08
C HIS B 389 17.89 -43.60 26.59
N GLY B 390 18.96 -43.21 25.88
CA GLY B 390 19.11 -43.47 24.46
C GLY B 390 18.17 -42.72 23.54
N LYS B 391 17.44 -41.71 24.07
CA LYS B 391 16.49 -40.90 23.29
C LYS B 391 16.99 -39.46 23.17
N GLU B 392 16.64 -38.77 22.07
CA GLU B 392 17.08 -37.40 21.83
C GLU B 392 15.98 -36.38 22.13
N LEU B 393 16.30 -35.38 22.97
CA LEU B 393 15.38 -34.31 23.32
C LEU B 393 15.97 -33.00 22.88
N ILE B 394 15.15 -32.11 22.31
CA ILE B 394 15.62 -30.80 21.86
C ILE B 394 16.06 -29.98 23.07
N ASN B 395 17.31 -29.50 23.07
CA ASN B 395 17.83 -28.67 24.15
C ASN B 395 17.13 -27.32 24.01
N PHE B 396 16.06 -27.11 24.79
CA PHE B 396 15.31 -25.88 24.70
C PHE B 396 16.02 -24.73 25.44
N SER B 397 16.67 -25.02 26.59
CA SER B 397 17.42 -23.98 27.31
C SER B 397 18.47 -23.29 26.45
N LYS B 398 18.98 -23.98 25.40
CA LYS B 398 19.91 -23.39 24.46
C LYS B 398 19.19 -22.28 23.70
N ARG B 399 18.00 -22.60 23.17
CA ARG B 399 17.17 -21.63 22.45
C ARG B 399 16.78 -20.48 23.38
N ARG B 400 16.39 -20.78 24.62
CA ARG B 400 16.02 -19.74 25.59
C ARG B 400 17.17 -18.73 25.81
N LYS B 401 18.41 -19.21 25.92
CA LYS B 401 19.58 -18.35 26.13
C LYS B 401 19.81 -17.44 24.91
N VAL B 402 19.66 -17.97 23.70
CA VAL B 402 19.79 -17.16 22.49
C VAL B 402 18.64 -16.12 22.46
N ALA B 403 17.42 -16.52 22.88
CA ALA B 403 16.26 -15.61 22.94
C ALA B 403 16.47 -14.48 23.96
N GLU B 404 17.18 -14.73 25.06
CA GLU B 404 17.49 -13.72 26.06
C GLU B 404 18.45 -12.67 25.46
N ILE B 405 19.43 -13.12 24.66
CA ILE B 405 20.37 -12.20 24.02
C ILE B 405 19.61 -11.31 23.01
N THR B 406 18.71 -11.91 22.22
CA THR B 406 17.91 -11.13 21.26
C THR B 406 16.94 -10.17 21.97
N GLY B 407 16.52 -10.50 23.19
CA GLY B 407 15.67 -9.62 24.01
C GLY B 407 16.40 -8.36 24.41
N GLU B 408 17.73 -8.47 24.66
CA GLU B 408 18.59 -7.33 24.95
C GLU B 408 18.67 -6.40 23.72
N ILE B 409 18.65 -6.98 22.51
CA ILE B 409 18.63 -6.23 21.24
C ILE B 409 17.33 -5.42 21.12
N GLN B 410 16.17 -6.06 21.36
CA GLN B 410 14.85 -5.43 21.23
C GLN B 410 14.64 -4.27 22.19
N GLN B 411 15.24 -4.30 23.40
CA GLN B 411 15.04 -3.23 24.37
C GLN B 411 15.55 -1.85 23.88
N TYR B 412 16.36 -1.78 22.79
CA TYR B 412 16.84 -0.51 22.23
C TYR B 412 16.21 -0.16 20.85
N GLN B 413 15.41 -1.07 20.26
CA GLN B 413 14.83 -0.84 18.93
C GLN B 413 13.66 0.19 18.88
N ASN B 414 13.26 0.82 20.00
CA ASN B 414 12.16 1.81 19.99
C ASN B 414 12.72 3.18 20.39
N GLN B 415 13.87 3.55 19.81
CA GLN B 415 14.58 4.78 20.12
C GLN B 415 14.88 5.59 18.85
N PRO B 416 13.87 6.29 18.29
CA PRO B 416 14.13 7.11 17.09
C PRO B 416 14.89 8.39 17.45
N TYR B 417 15.73 8.86 16.52
CA TYR B 417 16.49 10.08 16.70
C TYR B 417 15.75 11.29 16.20
N CYS B 418 15.96 12.43 16.86
CA CYS B 418 15.38 13.71 16.46
C CYS B 418 16.41 14.39 15.54
N LEU B 419 16.57 13.82 14.34
CA LEU B 419 17.50 14.29 13.32
C LEU B 419 16.82 14.25 11.97
N ARG B 420 17.05 15.27 11.16
CA ARG B 420 16.44 15.39 9.85
C ARG B 420 17.19 14.54 8.83
N VAL B 421 16.45 13.67 8.12
CA VAL B 421 17.03 12.84 7.07
C VAL B 421 17.35 13.73 5.87
N GLU B 422 18.50 13.52 5.24
CA GLU B 422 18.91 14.23 4.04
C GLU B 422 19.03 13.11 3.01
N SER B 423 18.02 13.00 2.15
CA SER B 423 17.89 11.93 1.15
C SER B 423 19.16 11.65 0.32
N ASP B 424 19.87 12.69 -0.11
CA ASP B 424 21.06 12.53 -0.94
C ASP B 424 22.26 11.98 -0.16
N ILE B 425 22.46 12.46 1.08
CA ILE B 425 23.56 11.98 1.91
C ILE B 425 23.26 10.53 2.33
N LYS B 426 21.98 10.24 2.67
CA LYS B 426 21.50 8.90 3.01
C LYS B 426 21.82 7.93 1.87
N ARG B 427 21.51 8.32 0.61
CA ARG B 427 21.74 7.48 -0.56
C ARG B 427 23.24 7.24 -0.79
N PHE B 428 24.06 8.30 -0.61
CA PHE B 428 25.51 8.22 -0.77
C PHE B 428 26.10 7.12 0.15
N PHE B 429 25.61 7.01 1.39
CA PHE B 429 26.07 6.00 2.36
C PHE B 429 25.39 4.63 2.18
N GLU B 430 24.14 4.59 1.68
CA GLU B 430 23.48 3.32 1.37
C GLU B 430 24.18 2.63 0.19
N ASN B 431 24.63 3.42 -0.81
CA ASN B 431 25.24 2.89 -2.03
C ASN B 431 26.75 2.89 -2.03
N LEU B 432 27.38 2.72 -0.86
CA LEU B 432 28.84 2.63 -0.79
C LEU B 432 29.24 1.23 -1.26
N ASN B 433 30.25 1.16 -2.12
CA ASN B 433 30.73 -0.10 -2.66
C ASN B 433 32.26 -0.03 -2.75
N PRO B 434 32.98 0.04 -1.61
CA PRO B 434 34.44 0.16 -1.68
C PRO B 434 35.17 -0.96 -2.42
N MET B 435 34.67 -2.19 -2.30
CA MET B 435 35.25 -3.39 -2.93
C MET B 435 35.06 -3.40 -4.44
N GLY B 436 33.94 -2.88 -4.92
CA GLY B 436 33.62 -2.86 -6.35
C GLY B 436 33.29 -4.27 -6.82
N ASN B 437 34.03 -4.76 -7.82
CA ASN B 437 33.82 -6.13 -8.31
C ASN B 437 34.78 -7.14 -7.62
N SER B 438 35.61 -6.69 -6.65
CA SER B 438 36.54 -7.56 -5.91
C SER B 438 35.85 -8.26 -4.73
N MET B 439 36.37 -9.43 -4.36
CA MET B 439 35.91 -10.16 -3.18
C MET B 439 36.56 -9.49 -1.94
N GLU B 440 35.98 -9.67 -0.74
CA GLU B 440 36.52 -9.05 0.47
C GLU B 440 37.99 -9.40 0.74
N LYS B 441 38.38 -10.68 0.61
CA LYS B 441 39.78 -11.08 0.81
C LYS B 441 40.70 -10.35 -0.19
N GLU B 442 40.31 -10.28 -1.49
CA GLU B 442 41.09 -9.60 -2.52
C GLU B 442 41.27 -8.12 -2.15
N PHE B 443 40.17 -7.44 -1.77
CA PHE B 443 40.21 -6.03 -1.44
C PHE B 443 41.04 -5.74 -0.18
N THR B 444 40.93 -6.57 0.87
CA THR B 444 41.71 -6.35 2.10
C THR B 444 43.21 -6.58 1.84
N ASP B 445 43.56 -7.52 0.93
CA ASP B 445 44.96 -7.73 0.53
C ASP B 445 45.46 -6.49 -0.24
N TYR B 446 44.58 -5.89 -1.08
CA TYR B 446 44.87 -4.68 -1.83
C TYR B 446 45.14 -3.52 -0.86
N LEU B 447 44.28 -3.35 0.15
CA LEU B 447 44.43 -2.28 1.15
C LEU B 447 45.74 -2.43 1.94
N PHE B 448 46.11 -3.67 2.28
CA PHE B 448 47.35 -3.92 3.02
C PHE B 448 48.59 -3.67 2.15
N ASN B 449 48.56 -4.10 0.87
CA ASN B 449 49.65 -3.82 -0.06
C ASN B 449 49.74 -2.30 -0.35
N LYS B 450 48.60 -1.59 -0.34
CA LYS B 450 48.54 -0.14 -0.52
C LYS B 450 49.19 0.56 0.67
N SER B 451 48.93 0.05 1.89
CA SER B 451 49.53 0.55 3.12
C SER B 451 51.07 0.46 3.04
N LEU B 452 51.58 -0.68 2.54
CA LEU B 452 53.02 -0.91 2.38
C LEU B 452 53.61 0.02 1.31
N GLU B 453 52.81 0.41 0.31
CA GLU B 453 53.25 1.35 -0.72
C GLU B 453 53.42 2.77 -0.14
N ILE B 454 52.37 3.32 0.50
CA ILE B 454 52.38 4.68 1.05
C ILE B 454 53.31 4.87 2.27
N GLU B 455 53.49 3.81 3.08
CA GLU B 455 54.35 3.82 4.27
C GLU B 455 55.12 2.49 4.37
N PRO B 456 56.23 2.33 3.63
CA PRO B 456 56.99 1.06 3.69
C PRO B 456 57.56 0.71 5.07
N ARG B 457 57.93 -0.56 5.27
CA ARG B 457 58.54 -1.01 6.54
C ARG B 457 59.82 -0.22 6.87
N ASN B 458 60.08 0.02 8.19
CA ASN B 458 61.16 0.87 8.74
C ASN B 458 62.54 0.86 7.99
N PRO B 459 63.15 -0.28 7.56
CA PRO B 459 64.44 -0.19 6.85
C PRO B 459 64.29 0.62 5.55
N LYS B 460 63.20 0.39 4.78
CA LYS B 460 62.91 1.13 3.57
C LYS B 460 62.43 2.54 3.97
N PRO B 461 62.86 3.64 3.32
CA PRO B 461 62.39 4.97 3.74
C PRO B 461 60.97 5.34 3.28
N LEU B 462 60.48 6.51 3.75
CA LEU B 462 59.14 7.03 3.45
C LEU B 462 59.17 7.93 2.20
N PRO B 463 58.61 7.46 1.06
CA PRO B 463 58.59 8.32 -0.14
C PRO B 463 57.50 9.38 -0.07
N ARG B 464 57.64 10.41 -0.89
CA ARG B 464 56.68 11.51 -0.98
C ARG B 464 55.78 11.32 -2.17
N PHE B 465 54.48 11.56 -1.99
CA PHE B 465 53.48 11.38 -3.03
C PHE B 465 52.73 12.68 -3.27
N PRO B 466 52.21 12.89 -4.50
CA PRO B 466 51.49 14.14 -4.79
C PRO B 466 50.09 14.22 -4.18
N LYS B 467 49.62 15.45 -4.00
CA LYS B 467 48.29 15.69 -3.46
C LYS B 467 47.19 15.29 -4.47
N LYS B 468 46.06 14.80 -3.95
CA LYS B 468 44.93 14.38 -4.76
C LYS B 468 43.66 15.22 -4.52
N TYR B 469 43.68 16.17 -3.58
CA TYR B 469 42.51 16.97 -3.23
C TYR B 469 42.74 18.41 -3.66
N SER B 470 41.81 18.97 -4.45
CA SER B 470 41.90 20.35 -4.95
C SER B 470 41.00 21.31 -4.14
N TYR B 471 40.78 20.99 -2.85
CA TYR B 471 39.94 21.78 -1.95
C TYR B 471 40.59 21.86 -0.55
N PRO B 472 40.11 22.75 0.35
CA PRO B 472 40.76 22.85 1.68
C PRO B 472 40.57 21.62 2.54
N LEU B 473 41.66 21.17 3.18
CA LEU B 473 41.64 20.00 4.08
C LEU B 473 41.25 20.37 5.51
N LYS B 474 41.21 21.67 5.86
CA LYS B 474 40.83 22.10 7.21
C LYS B 474 39.40 21.67 7.51
N SER B 475 39.17 21.16 8.72
CA SER B 475 37.86 20.69 9.12
C SER B 475 37.05 21.81 9.71
N PRO B 476 35.72 21.81 9.47
CA PRO B 476 34.87 22.81 10.14
C PRO B 476 34.62 22.50 11.63
N GLY B 477 34.98 21.29 12.09
CA GLY B 477 34.86 20.87 13.48
C GLY B 477 33.62 20.07 13.81
N VAL B 478 33.42 19.82 15.11
CA VAL B 478 32.30 19.04 15.67
C VAL B 478 31.28 19.93 16.42
N ARG B 479 31.57 21.23 16.64
CA ARG B 479 30.63 22.15 17.28
C ARG B 479 29.57 22.53 16.23
N PRO B 480 28.27 22.40 16.52
CA PRO B 480 27.25 22.74 15.50
C PRO B 480 27.02 24.24 15.32
N SER B 481 26.16 24.60 14.34
CA SER B 481 25.79 25.99 14.05
C SER B 481 24.31 26.18 14.40
N ASN B 482 24.02 26.51 15.68
CA ASN B 482 22.63 26.69 16.15
C ASN B 482 22.52 27.95 17.00
C5 S2Q C . -46.40 8.38 -7.22
C6 S2Q C . -45.69 7.40 -7.93
C7 S2Q C . -45.06 6.41 -7.21
C8 S2Q C . -45.13 6.41 -5.82
C10 S2Q C . -44.42 5.37 -5.03
C13 S2Q C . -42.97 3.36 -5.14
C15 S2Q C . -41.67 3.02 -5.87
C17 S2Q C . -44.25 1.62 -6.45
C20 S2Q C . -45.90 0.23 -5.41
C21 S2Q C . -45.24 6.96 -10.48
C22 S2Q C . -46.24 6.82 -11.61
O1 S2Q C . -46.93 9.23 -8.18
N2 S2Q C . -46.53 8.78 -9.48
C3 S2Q C . -45.83 7.72 -9.32
N4 S2Q C . -46.48 8.40 -5.90
C9 S2Q C . -45.86 7.44 -5.23
N11 S2Q C . -43.52 4.61 -5.69
O12 S2Q C . -44.60 5.26 -3.82
C14 S2Q C . -44.00 2.26 -5.25
C16 S2Q C . -45.18 0.60 -6.53
C18 S2Q C . -44.71 1.88 -4.12
C19 S2Q C . -45.66 0.86 -4.20
C23 S2Q C . -43.93 7.60 -10.94
S24 S2Q C . -46.53 0.36 -2.76
O25 S2Q C . -45.78 -0.71 -2.16
O26 S2Q C . -47.88 0.10 -3.15
N27 S2Q C . -46.57 1.55 -1.70
H28 S2Q C . -44.53 5.64 -7.77
H31 S2Q C . -42.73 3.53 -4.09
H34 S2Q C . -41.69 3.26 -6.93
H32 S2Q C . -41.43 1.96 -5.80
H33 S2Q C . -40.82 3.53 -5.44
H36 S2Q C . -43.72 1.90 -7.35
H38 S2Q C . -46.64 -0.58 -5.47
H39 S2Q C . -45.01 5.97 -10.12
H41 S2Q C . -46.43 7.78 -12.10
H42 S2Q C . -47.18 6.43 -11.28
H40 S2Q C . -45.86 6.15 -12.40
H29 S2Q C . -45.98 7.54 -4.15
H30 S2Q C . -43.11 4.90 -6.56
H35 S2Q C . -45.38 0.12 -7.49
H37 S2Q C . -44.51 2.35 -3.17
H45 S2Q C . -44.06 8.64 -11.22
H43 S2Q C . -43.51 7.09 -11.80
H44 S2Q C . -43.19 7.55 -10.15
H46 S2Q C . -45.90 2.32 -1.63
H47 S2Q C . -47.28 1.67 -0.98
C5 S2Q D . 46.16 -2.28 20.71
C6 S2Q D . 45.47 -2.15 19.49
C7 S2Q D . 44.79 -0.95 19.26
C8 S2Q D . 44.83 0.04 20.22
C10 S2Q D . 44.11 1.34 19.98
C13 S2Q D . 42.66 2.62 18.45
C15 S2Q D . 41.41 2.32 17.64
C17 S2Q D . 44.11 2.85 16.40
C20 S2Q D . 45.74 4.61 16.19
C21 S2Q D . 45.13 -3.73 17.42
C22 S2Q D . 46.16 -4.42 16.57
O1 S2Q D . 46.74 -3.54 20.68
N2 S2Q D . 46.39 -4.19 19.45
C3 S2Q D . 45.67 -3.36 18.78
N4 S2Q D . 46.21 -1.33 21.63
C9 S2Q D . 45.54 -0.19 21.38
N11 S2Q D . 43.19 1.38 19.00
O12 S2Q D . 44.35 2.32 20.67
C14 S2Q D . 43.73 3.34 17.64
C16 S2Q D . 45.09 3.49 15.67
C18 S2Q D . 44.37 4.45 18.15
C19 S2Q D . 45.36 5.09 17.43
C23 S2Q D . 43.85 -4.54 17.54
S24 S2Q D . 46.15 6.53 18.09
O25 S2Q D . 45.43 7.66 17.59
O26 S2Q D . 47.54 6.41 17.81
N27 S2Q D . 46.00 6.53 19.68
H28 S2Q D . 44.28 -0.83 18.30
H31 S2Q D . 42.37 3.25 19.29
H34 S2Q D . 41.46 1.39 17.09
H32 S2Q D . 41.17 3.09 16.90
H33 S2Q D . 40.52 2.27 18.27
H36 S2Q D . 43.64 1.97 15.97
H38 S2Q D . 46.51 5.12 15.61
H39 S2Q D . 44.87 -2.78 16.94
H41 S2Q D . 46.39 -5.42 16.95
H42 S2Q D . 47.10 -3.88 16.55
H40 S2Q D . 45.84 -4.54 15.54
H29 S2Q D . 45.63 0.51 22.19
H30 S2Q D . 42.79 0.53 18.63
H35 S2Q D . 45.38 3.11 14.69
H37 S2Q D . 44.07 4.83 19.13
H45 S2Q D . 44.01 -5.46 18.09
H43 S2Q D . 43.47 -4.82 16.56
H44 S2Q D . 43.07 -3.98 18.04
H46 S2Q D . 45.34 6.01 20.24
H47 S2Q D . 46.59 7.09 20.31
#